data_7NI1
#
_entry.id   7NI1
#
_cell.length_a   93.220
_cell.length_b   63.820
_cell.length_c   111.340
_cell.angle_alpha   90.00
_cell.angle_beta   97.24
_cell.angle_gamma   90.00
#
_symmetry.space_group_name_H-M   'P 1 21 1'
#
loop_
_entity.id
_entity.type
_entity.pdbx_description
1 polymer Myeloperoxidase
2 polymer Myeloperoxidase
3 branched alpha-D-mannopyranose-(1-3)-beta-D-mannopyranose-(1-4)-2-acetamido-2-deoxy-beta-D-glucopyranose-(1-4)-[alpha-L-fucopyranose-(1-6)]2-acetamido-2-deoxy-beta-D-glucopyranose
4 non-polymer 'CHLORIDE ION'
5 non-polymer 'PROTOPORPHYRIN IX CONTAINING FE'
6 non-polymer 'CALCIUM ION'
7 non-polymer 2-acetamido-2-deoxy-beta-D-glucopyranose
8 non-polymer (S)-1-(2-(amino(phenyl)methyl)benzyl)-2-thioxo-1,2,3,5-tetrahydro-4H-pyrrolo[3,2-d]pyrimidin-4-one
9 non-polymer beta-D-mannopyranose
10 water water
#
loop_
_entity_poly.entity_id
_entity_poly.type
_entity_poly.pdbx_seq_one_letter_code
_entity_poly.pdbx_strand_id
1 'polypeptide(L)'
;CPEQDKYRTITGMCNNRRSPTLGASNRAFVRWLPAEYEDGFSLPYGWTPGVKRNGFPVALARAVSNEIVRFPTDQLTPDQ
ERSLMFMQWGQLLDHDLDFTPEPAA
;
A,B
2 'polypeptide(L)'
;VNCETSCVQQPPCFPLKIPPNDPRIKNQADCIPFFRS(CSO)PACPGSNITIRNQINALTSFVDASMVYGSEEPLARNLR
NMSNQLGLLAVNQRFQDNGRALLPFDNLHDDPCLLTNRSARIPCFLAGDTRSSEMPELTSMHTLLLREHNRLATELKSLN
PRWDGERLYQEARKIVGAMVQIITYRDYLPLVLGPTAMRKYLPTYRSYNDSVDPRIANVFTNAFRYGHTLIQPFMFRLDN
RYQPMEPNPRVPLSRVFFASWRVVLEGGIDPILRGLMATPAKLNRQNQIAVDEIRERLFEQVMRIGLDLPALNMQRSRDH
GLPGYNAWRRFCGLPQPETVGQLGTVLRNLKLARKLMEQYGTPNNIDIWMGGVSEPLKRKGRVGPLLACIIGTQFRKLRD
GDRFWWENEGVFSMQQRQALAQISLPRIICDNTGITTVSKNNIFMSNSYPRDFVNCSTLPALNLASWREA
;
C,D
#
loop_
_chem_comp.id
_chem_comp.type
_chem_comp.name
_chem_comp.formula
BMA D-saccharide, beta linking beta-D-mannopyranose 'C6 H12 O6'
CA non-polymer 'CALCIUM ION' 'Ca 2'
CL non-polymer 'CHLORIDE ION' 'Cl -1'
FUC L-saccharide, alpha linking alpha-L-fucopyranose 'C6 H12 O5'
HEM non-polymer 'PROTOPORPHYRIN IX CONTAINING FE' 'C34 H32 Fe N4 O4'
MAN D-saccharide, alpha linking alpha-D-mannopyranose 'C6 H12 O6'
NAG D-saccharide, beta linking 2-acetamido-2-deoxy-beta-D-glucopyranose 'C8 H15 N O6'
UEB non-polymer (S)-1-(2-(amino(phenyl)methyl)benzyl)-2-thioxo-1,2,3,5-tetrahydro-4H-pyrrolo[3,2-d]pyrimidin-4-one 'C20 H18 N4 O S'
#
# COMPACT_ATOMS: atom_id res chain seq x y z
N CYS A 1 -3.67 -9.22 -21.11
CA CYS A 1 -3.97 -8.04 -21.94
C CYS A 1 -3.59 -8.27 -23.40
N PRO A 2 -4.36 -7.73 -24.38
CA PRO A 2 -3.96 -7.87 -25.79
C PRO A 2 -2.69 -7.06 -26.07
N GLU A 3 -1.67 -7.71 -26.68
CA GLU A 3 -0.34 -7.15 -27.04
C GLU A 3 -0.42 -5.75 -27.67
N GLN A 4 -1.49 -5.46 -28.44
CA GLN A 4 -1.75 -4.15 -29.07
C GLN A 4 -3.23 -3.81 -29.00
N ASP A 5 -3.53 -2.51 -28.84
CA ASP A 5 -4.86 -1.92 -28.74
C ASP A 5 -4.89 -0.52 -29.35
N LYS A 6 -6.09 0.10 -29.47
CA LYS A 6 -6.27 1.43 -30.06
C LYS A 6 -7.01 2.36 -29.09
N TYR A 7 -7.89 1.79 -28.29
CA TYR A 7 -8.72 2.54 -27.33
C TYR A 7 -8.61 1.98 -25.93
N ARG A 8 -9.04 2.78 -24.96
CA ARG A 8 -9.15 2.37 -23.55
C ARG A 8 -10.26 1.34 -23.43
N THR A 9 -10.13 0.45 -22.45
CA THR A 9 -11.20 -0.46 -22.06
C THR A 9 -12.18 0.40 -21.22
N ILE A 10 -13.40 -0.08 -20.99
CA ILE A 10 -14.40 0.66 -20.20
C ILE A 10 -14.02 0.62 -18.70
N THR A 11 -13.57 -0.54 -18.19
CA THR A 11 -13.18 -0.69 -16.78
C THR A 11 -11.86 0.01 -16.42
N GLY A 12 -11.01 0.28 -17.41
CA GLY A 12 -9.70 0.85 -17.17
C GLY A 12 -8.63 -0.21 -17.09
N MET A 13 -9.04 -1.50 -17.16
CA MET A 13 -8.16 -2.68 -17.17
C MET A 13 -7.20 -2.57 -18.37
N CYS A 14 -5.94 -2.99 -18.18
CA CYS A 14 -4.88 -3.04 -19.21
C CYS A 14 -4.29 -1.68 -19.63
N ASN A 15 -4.62 -0.58 -18.94
CA ASN A 15 -3.99 0.71 -19.21
C ASN A 15 -2.51 0.56 -18.80
N ASN A 16 -2.25 -0.03 -17.60
CA ASN A 16 -0.91 -0.36 -17.15
C ASN A 16 -0.70 -1.82 -17.52
N ARG A 17 0.23 -2.12 -18.40
CA ARG A 17 0.41 -3.49 -18.86
C ARG A 17 1.02 -4.41 -17.82
N ARG A 18 1.93 -3.90 -16.98
CA ARG A 18 2.61 -4.68 -15.94
C ARG A 18 1.71 -5.05 -14.75
N SER A 19 0.84 -4.12 -14.32
CA SER A 19 -0.10 -4.33 -13.21
C SER A 19 -1.44 -3.84 -13.77
N PRO A 20 -2.14 -4.69 -14.56
CA PRO A 20 -3.30 -4.22 -15.32
C PRO A 20 -4.59 -3.83 -14.58
N THR A 21 -4.66 -3.89 -13.26
CA THR A 21 -5.87 -3.41 -12.58
C THR A 21 -5.67 -1.98 -12.08
N LEU A 22 -4.46 -1.40 -12.21
CA LEU A 22 -4.19 -0.05 -11.65
C LEU A 22 -5.01 1.02 -12.39
N GLY A 23 -5.85 1.72 -11.65
CA GLY A 23 -6.71 2.75 -12.19
C GLY A 23 -8.03 2.17 -12.69
N ALA A 24 -8.16 0.84 -12.64
CA ALA A 24 -9.36 0.11 -13.03
C ALA A 24 -10.41 0.22 -11.93
N SER A 25 -11.67 0.19 -12.33
CA SER A 25 -12.85 0.28 -11.48
C SER A 25 -13.03 -0.97 -10.56
N ASN A 26 -13.74 -0.79 -9.44
CA ASN A 26 -14.06 -1.82 -8.44
C ASN A 26 -12.80 -2.47 -7.87
N ARG A 27 -11.83 -1.61 -7.52
CA ARG A 27 -10.54 -1.96 -6.93
C ARG A 27 -10.33 -1.04 -5.75
N ALA A 28 -9.62 -1.53 -4.73
CA ALA A 28 -9.34 -0.75 -3.52
C ALA A 28 -8.52 0.52 -3.84
N PHE A 29 -8.77 1.60 -3.10
CA PHE A 29 -7.96 2.80 -3.23
C PHE A 29 -6.54 2.48 -2.82
N VAL A 30 -5.58 3.27 -3.28
CA VAL A 30 -4.20 3.12 -2.81
C VAL A 30 -4.13 3.96 -1.52
N ARG A 31 -3.30 3.55 -0.58
CA ARG A 31 -3.07 4.28 0.67
C ARG A 31 -1.72 5.00 0.57
N TRP A 32 -1.72 6.34 0.68
CA TRP A 32 -0.49 7.15 0.70
C TRP A 32 0.11 7.14 2.10
N LEU A 33 -0.70 6.81 3.11
CA LEU A 33 -0.31 6.67 4.52
C LEU A 33 -1.06 5.49 5.12
N PRO A 34 -0.49 4.74 6.11
CA PRO A 34 -1.26 3.65 6.73
C PRO A 34 -2.51 4.16 7.45
N ALA A 35 -3.59 3.34 7.47
CA ALA A 35 -4.83 3.70 8.14
C ALA A 35 -4.72 3.80 9.65
N GLU A 36 -5.54 4.70 10.21
CA GLU A 36 -5.66 5.00 11.63
C GLU A 36 -7.09 4.76 12.07
N TYR A 37 -7.29 3.58 12.65
CA TYR A 37 -8.57 3.11 13.19
C TYR A 37 -8.42 2.90 14.68
N GLU A 38 -9.52 3.09 15.41
CA GLU A 38 -9.65 2.93 16.85
C GLU A 38 -9.06 1.60 17.40
N ASP A 39 -9.26 0.49 16.66
CA ASP A 39 -8.78 -0.85 17.01
C ASP A 39 -7.56 -1.23 16.16
N GLY A 40 -7.13 -0.32 15.29
CA GLY A 40 -6.00 -0.51 14.41
C GLY A 40 -6.28 -1.09 13.04
N PHE A 41 -7.43 -1.75 12.87
CA PHE A 41 -7.72 -2.41 11.60
C PHE A 41 -9.09 -2.14 11.00
N SER A 42 -10.13 -1.72 11.79
CA SER A 42 -11.46 -1.57 11.19
C SER A 42 -12.38 -0.53 11.83
N LEU A 43 -12.41 -0.41 13.19
CA LEU A 43 -13.31 0.52 13.86
C LEU A 43 -12.89 1.97 13.71
N PRO A 44 -13.81 2.87 13.34
CA PRO A 44 -13.41 4.28 13.17
C PRO A 44 -13.31 5.01 14.50
N TYR A 45 -12.53 6.10 14.52
CA TYR A 45 -12.42 6.91 15.73
C TYR A 45 -13.79 7.56 15.96
N GLY A 46 -14.28 7.51 17.20
CA GLY A 46 -15.60 8.01 17.54
C GLY A 46 -16.63 6.90 17.71
N TRP A 47 -16.28 5.66 17.35
CA TRP A 47 -17.13 4.47 17.47
C TRP A 47 -17.44 4.11 18.93
N THR A 48 -16.38 3.78 19.72
CA THR A 48 -16.54 3.31 21.10
C THR A 48 -16.58 4.47 22.10
N PRO A 49 -17.62 4.56 22.98
CA PRO A 49 -17.64 5.64 23.99
C PRO A 49 -16.45 5.55 24.95
N GLY A 50 -15.85 6.70 25.24
CA GLY A 50 -14.68 6.83 26.11
C GLY A 50 -13.34 6.61 25.43
N VAL A 51 -13.28 5.99 24.23
CA VAL A 51 -12.00 5.77 23.56
C VAL A 51 -11.50 7.06 22.87
N LYS A 52 -10.37 7.58 23.39
CA LYS A 52 -9.71 8.81 22.92
C LYS A 52 -8.79 8.55 21.72
N ARG A 53 -8.53 9.58 20.92
CA ARG A 53 -7.63 9.47 19.79
C ARG A 53 -6.37 10.22 20.17
N ASN A 54 -5.23 9.50 20.26
CA ASN A 54 -3.92 10.10 20.54
C ASN A 54 -3.92 11.07 21.77
N GLY A 55 -4.58 10.63 22.85
CA GLY A 55 -4.64 11.37 24.12
C GLY A 55 -5.77 12.37 24.29
N PHE A 56 -6.62 12.55 23.27
CA PHE A 56 -7.69 13.54 23.35
C PHE A 56 -9.06 13.01 22.93
N PRO A 57 -10.18 13.56 23.46
CA PRO A 57 -11.50 13.11 23.02
C PRO A 57 -11.69 13.35 21.53
N VAL A 58 -12.41 12.44 20.86
CA VAL A 58 -12.75 12.56 19.44
C VAL A 58 -13.82 13.67 19.34
N ALA A 59 -13.59 14.65 18.50
CA ALA A 59 -14.54 15.73 18.36
C ALA A 59 -15.66 15.28 17.47
N LEU A 60 -16.93 15.45 17.90
CA LEU A 60 -18.11 15.12 17.06
C LEU A 60 -17.98 15.95 15.81
N ALA A 61 -18.17 15.31 14.62
CA ALA A 61 -18.05 15.99 13.32
C ALA A 61 -19.05 17.15 13.26
N ARG A 62 -20.28 16.93 13.80
CA ARG A 62 -21.36 17.93 13.84
C ARG A 62 -20.96 19.14 14.72
N ALA A 63 -20.27 18.91 15.86
CA ALA A 63 -19.79 19.99 16.75
C ALA A 63 -18.72 20.83 16.04
N VAL A 64 -17.82 20.19 15.26
CA VAL A 64 -16.77 20.91 14.48
C VAL A 64 -17.47 21.76 13.42
N SER A 65 -18.49 21.20 12.75
CA SER A 65 -19.26 21.93 11.75
C SER A 65 -19.95 23.16 12.36
N ASN A 66 -20.62 23.00 13.52
CA ASN A 66 -21.33 24.10 14.19
C ASN A 66 -20.39 25.20 14.67
N GLU A 67 -19.26 24.81 15.24
CA GLU A 67 -18.33 25.76 15.84
C GLU A 67 -17.40 26.44 14.85
N ILE A 68 -17.03 25.74 13.78
CA ILE A 68 -16.06 26.25 12.81
C ILE A 68 -16.68 26.57 11.42
N VAL A 69 -17.46 25.65 10.86
CA VAL A 69 -17.96 25.80 9.48
C VAL A 69 -19.16 26.79 9.39
N ARG A 70 -20.09 26.74 10.38
CA ARG A 70 -21.30 27.57 10.41
C ARG A 70 -21.00 29.07 10.32
N PHE A 71 -21.71 29.81 9.43
CA PHE A 71 -21.55 31.25 9.23
C PHE A 71 -22.85 31.88 8.74
N PRO A 72 -23.11 33.20 9.00
CA PRO A 72 -24.37 33.80 8.52
C PRO A 72 -24.32 34.02 7.01
N THR A 73 -25.25 33.40 6.26
CA THR A 73 -25.30 33.46 4.79
C THR A 73 -25.26 34.91 4.27
N ASP A 74 -25.80 35.88 5.05
CA ASP A 74 -25.79 37.30 4.66
C ASP A 74 -24.37 37.84 4.43
N GLN A 75 -23.34 37.21 5.07
CA GLN A 75 -21.92 37.58 4.97
C GLN A 75 -21.20 36.94 3.77
N LEU A 76 -21.86 36.03 3.02
CA LEU A 76 -21.24 35.34 1.88
C LEU A 76 -20.46 36.30 0.96
N THR A 77 -19.22 35.90 0.62
CA THR A 77 -18.37 36.68 -0.26
C THR A 77 -18.35 36.05 -1.65
N PRO A 78 -18.86 36.75 -2.68
CA PRO A 78 -18.76 36.21 -4.04
C PRO A 78 -17.31 36.26 -4.50
N ASP A 79 -16.87 35.23 -5.25
CA ASP A 79 -15.51 35.18 -5.76
C ASP A 79 -15.46 36.01 -7.04
N GLN A 80 -14.78 37.17 -6.98
CA GLN A 80 -14.63 38.11 -8.11
C GLN A 80 -13.89 37.52 -9.30
N GLU A 81 -13.02 36.52 -9.04
CA GLU A 81 -12.15 35.89 -10.02
C GLU A 81 -12.54 34.44 -10.38
N ARG A 82 -13.69 33.93 -9.91
CA ARG A 82 -14.16 32.59 -10.26
C ARG A 82 -15.64 32.59 -10.54
N SER A 83 -16.06 31.83 -11.57
CA SER A 83 -17.48 31.65 -11.88
C SER A 83 -17.97 30.39 -11.17
N LEU A 84 -19.30 30.23 -11.02
CA LEU A 84 -19.92 29.05 -10.41
C LEU A 84 -19.63 27.80 -11.26
N MET A 85 -19.31 28.01 -12.56
CA MET A 85 -18.87 26.95 -13.48
C MET A 85 -17.58 26.28 -12.94
N PHE A 86 -16.71 27.06 -12.22
CA PHE A 86 -15.47 26.59 -11.59
C PHE A 86 -15.78 25.54 -10.52
N MET A 87 -16.85 25.76 -9.72
CA MET A 87 -17.33 24.81 -8.71
C MET A 87 -17.88 23.57 -9.47
N GLN A 88 -18.76 23.82 -10.44
CA GLN A 88 -19.41 22.75 -11.18
C GLN A 88 -18.46 21.80 -11.90
N TRP A 89 -17.39 22.32 -12.57
CA TRP A 89 -16.41 21.48 -13.25
C TRP A 89 -15.73 20.55 -12.22
N GLY A 90 -15.44 21.09 -11.02
CA GLY A 90 -14.83 20.35 -9.92
C GLY A 90 -15.60 19.10 -9.52
N GLN A 91 -16.95 19.22 -9.34
CA GLN A 91 -17.82 18.07 -9.01
C GLN A 91 -17.87 17.07 -10.18
N LEU A 92 -18.15 17.53 -11.42
CA LEU A 92 -18.17 16.68 -12.61
C LEU A 92 -16.84 15.90 -12.76
N LEU A 93 -15.71 16.61 -12.58
CA LEU A 93 -14.35 16.03 -12.63
C LEU A 93 -14.18 14.96 -11.55
N ASP A 94 -14.60 15.26 -10.28
CA ASP A 94 -14.55 14.31 -9.16
C ASP A 94 -15.29 13.01 -9.57
N HIS A 95 -16.40 13.16 -10.29
CA HIS A 95 -17.29 12.09 -10.72
C HIS A 95 -16.74 11.26 -11.91
N ASP A 96 -15.62 11.70 -12.52
CA ASP A 96 -14.84 10.96 -13.52
C ASP A 96 -13.78 10.14 -12.74
N LEU A 97 -13.41 10.58 -11.52
CA LEU A 97 -12.33 9.94 -10.77
C LEU A 97 -12.72 8.93 -9.67
N ASP A 98 -13.68 9.29 -8.77
CA ASP A 98 -13.98 8.40 -7.64
C ASP A 98 -15.43 8.40 -7.17
N PHE A 99 -15.92 7.17 -6.83
CA PHE A 99 -17.21 6.88 -6.21
C PHE A 99 -16.95 5.78 -5.22
N THR A 100 -17.19 6.11 -3.95
CA THR A 100 -16.95 5.17 -2.85
C THR A 100 -18.29 4.52 -2.52
N PRO A 101 -18.54 3.27 -2.96
CA PRO A 101 -19.84 2.66 -2.66
C PRO A 101 -20.09 2.40 -1.18
N GLU A 102 -21.38 2.41 -0.83
CA GLU A 102 -21.96 2.19 0.49
C GLU A 102 -23.12 1.20 0.31
N PRO A 103 -23.52 0.43 1.34
CA PRO A 103 -24.70 -0.43 1.17
C PRO A 103 -25.97 0.43 1.14
N ALA A 104 -26.91 0.15 0.21
CA ALA A 104 -28.13 0.93 -0.04
C ALA A 104 -29.07 1.11 1.16
N CYS B 1 -4.97 0.88 22.84
CA CYS B 1 -3.62 0.73 23.41
C CYS B 1 -3.50 1.43 24.76
N PRO B 2 -2.74 0.85 25.74
CA PRO B 2 -2.57 1.55 27.02
C PRO B 2 -1.70 2.80 26.84
N GLU B 3 -2.17 3.95 27.36
CA GLU B 3 -1.52 5.26 27.25
C GLU B 3 -0.07 5.25 27.81
N GLN B 4 0.31 4.14 28.48
CA GLN B 4 1.64 3.88 29.04
C GLN B 4 1.94 2.38 29.11
N ASP B 5 3.20 2.01 28.86
CA ASP B 5 3.68 0.63 28.90
C ASP B 5 5.18 0.60 29.23
N LYS B 6 5.72 -0.61 29.47
CA LYS B 6 7.12 -0.82 29.84
C LYS B 6 7.79 -1.81 28.89
N TYR B 7 7.02 -2.79 28.41
CA TYR B 7 7.52 -3.83 27.52
C TYR B 7 6.71 -3.96 26.26
N ARG B 8 7.26 -4.66 25.28
CA ARG B 8 6.58 -4.96 24.03
C ARG B 8 5.48 -5.97 24.30
N THR B 9 4.45 -5.93 23.48
CA THR B 9 3.39 -6.94 23.48
C THR B 9 4.01 -8.12 22.71
N ILE B 10 3.42 -9.33 22.83
CA ILE B 10 3.95 -10.50 22.13
C ILE B 10 3.66 -10.40 20.61
N THR B 11 2.42 -9.98 20.25
CA THR B 11 2.03 -9.84 18.84
C THR B 11 2.70 -8.68 18.10
N GLY B 12 3.21 -7.69 18.81
CA GLY B 12 3.78 -6.48 18.22
C GLY B 12 2.75 -5.36 18.13
N MET B 13 1.49 -5.66 18.52
CA MET B 13 0.37 -4.71 18.57
C MET B 13 0.76 -3.54 19.50
N CYS B 14 0.35 -2.31 19.15
CA CYS B 14 0.54 -1.08 19.95
C CYS B 14 1.98 -0.53 19.98
N ASN B 15 2.91 -1.06 19.16
CA ASN B 15 4.24 -0.48 19.06
C ASN B 15 4.05 0.90 18.38
N ASN B 16 3.27 0.95 17.30
CA ASN B 16 2.92 2.21 16.65
C ASN B 16 1.55 2.58 17.24
N ARG B 17 1.45 3.70 17.96
CA ARG B 17 0.16 4.01 18.60
C ARG B 17 -0.88 4.61 17.64
N ARG B 18 -0.45 5.25 16.57
CA ARG B 18 -1.37 5.78 15.57
C ARG B 18 -2.00 4.69 14.68
N SER B 19 -1.23 3.67 14.29
CA SER B 19 -1.70 2.57 13.44
C SER B 19 -1.18 1.31 14.15
N PRO B 20 -1.90 0.85 15.20
CA PRO B 20 -1.34 -0.19 16.10
C PRO B 20 -1.14 -1.61 15.58
N THR B 21 -1.47 -1.92 14.32
CA THR B 21 -1.16 -3.28 13.85
C THR B 21 0.15 -3.29 13.03
N LEU B 22 0.80 -2.10 12.82
CA LEU B 22 2.02 -2.06 11.97
C LEU B 22 3.18 -2.81 12.64
N GLY B 23 3.66 -3.82 11.97
CA GLY B 23 4.75 -4.65 12.47
C GLY B 23 4.24 -5.78 13.33
N ALA B 24 2.90 -5.82 13.55
CA ALA B 24 2.23 -6.86 14.31
C ALA B 24 2.09 -8.10 13.44
N SER B 25 2.08 -9.27 14.10
CA SER B 25 1.96 -10.59 13.51
C SER B 25 0.56 -10.84 12.86
N ASN B 26 0.50 -11.79 11.90
CA ASN B 26 -0.71 -12.21 11.17
C ASN B 26 -1.41 -11.01 10.48
N ARG B 27 -0.58 -10.21 9.78
CA ARG B 27 -1.00 -9.04 9.03
C ARG B 27 -0.36 -9.11 7.65
N ALA B 28 -1.00 -8.52 6.65
CA ALA B 28 -0.47 -8.54 5.28
C ALA B 28 0.83 -7.76 5.19
N PHE B 29 1.74 -8.20 4.32
CA PHE B 29 2.99 -7.48 4.08
C PHE B 29 2.66 -6.14 3.48
N VAL B 30 3.59 -5.20 3.57
CA VAL B 30 3.42 -3.93 2.89
C VAL B 30 3.99 -4.17 1.48
N ARG B 31 3.43 -3.50 0.48
CA ARG B 31 3.92 -3.58 -0.90
C ARG B 31 4.68 -2.27 -1.21
N TRP B 32 5.98 -2.38 -1.57
CA TRP B 32 6.78 -1.23 -1.97
C TRP B 32 6.54 -0.90 -3.44
N LEU B 33 6.02 -1.89 -4.19
CA LEU B 33 5.61 -1.78 -5.59
C LEU B 33 4.32 -2.55 -5.79
N PRO B 34 3.36 -2.10 -6.65
CA PRO B 34 2.14 -2.91 -6.88
C PRO B 34 2.49 -4.29 -7.47
N ALA B 35 1.68 -5.30 -7.10
CA ALA B 35 1.87 -6.67 -7.57
C ALA B 35 1.67 -6.86 -9.08
N GLU B 36 2.41 -7.83 -9.62
CA GLU B 36 2.42 -8.22 -11.00
C GLU B 36 2.05 -9.69 -11.10
N TYR B 37 0.77 -9.91 -11.42
CA TYR B 37 0.15 -11.20 -11.62
C TYR B 37 -0.33 -11.32 -13.05
N GLU B 38 -0.31 -12.55 -13.58
CA GLU B 38 -0.74 -12.93 -14.93
C GLU B 38 -2.12 -12.35 -15.33
N ASP B 39 -3.09 -12.32 -14.39
CA ASP B 39 -4.45 -11.82 -14.58
C ASP B 39 -4.60 -10.42 -13.93
N GLY B 40 -3.53 -9.92 -13.34
CA GLY B 40 -3.51 -8.61 -12.68
C GLY B 40 -3.85 -8.59 -11.20
N PHE B 41 -4.52 -9.63 -10.69
CA PHE B 41 -4.94 -9.63 -9.30
C PHE B 41 -4.62 -10.89 -8.50
N SER B 42 -4.40 -12.08 -9.13
CA SER B 42 -4.19 -13.30 -8.32
C SER B 42 -3.33 -14.39 -8.93
N LEU B 43 -3.46 -14.67 -10.25
CA LEU B 43 -2.70 -15.77 -10.88
C LEU B 43 -1.23 -15.43 -11.09
N PRO B 44 -0.32 -16.34 -10.69
CA PRO B 44 1.11 -16.04 -10.86
C PRO B 44 1.59 -16.23 -12.29
N TYR B 45 2.66 -15.53 -12.67
CA TYR B 45 3.24 -15.74 -13.99
C TYR B 45 3.79 -17.17 -14.05
N GLY B 46 3.49 -17.87 -15.14
CA GLY B 46 3.86 -19.26 -15.30
C GLY B 46 2.72 -20.21 -15.07
N TRP B 47 1.57 -19.69 -14.58
CA TRP B 47 0.34 -20.46 -14.30
C TRP B 47 -0.27 -21.02 -15.58
N THR B 48 -0.69 -20.14 -16.50
CA THR B 48 -1.40 -20.52 -17.72
C THR B 48 -0.42 -20.81 -18.87
N PRO B 49 -0.51 -22.00 -19.53
CA PRO B 49 0.39 -22.29 -20.67
C PRO B 49 0.19 -21.31 -21.82
N GLY B 50 1.30 -20.85 -22.39
CA GLY B 50 1.29 -19.89 -23.49
C GLY B 50 1.19 -18.42 -23.10
N VAL B 51 0.79 -18.10 -21.84
CA VAL B 51 0.68 -16.69 -21.43
C VAL B 51 2.06 -16.12 -21.07
N LYS B 52 2.52 -15.16 -21.88
CA LYS B 52 3.80 -14.49 -21.77
C LYS B 52 3.83 -13.36 -20.75
N ARG B 53 5.02 -13.07 -20.21
CA ARG B 53 5.19 -11.96 -19.28
C ARG B 53 5.91 -10.84 -20.01
N ASN B 54 5.26 -9.68 -20.15
CA ASN B 54 5.84 -8.49 -20.79
C ASN B 54 6.48 -8.77 -22.17
N GLY B 55 5.79 -9.58 -22.98
CA GLY B 55 6.22 -9.93 -24.34
C GLY B 55 7.12 -11.14 -24.51
N PHE B 56 7.48 -11.82 -23.41
CA PHE B 56 8.38 -12.96 -23.48
C PHE B 56 7.92 -14.19 -22.72
N PRO B 57 8.29 -15.43 -23.17
CA PRO B 57 7.86 -16.62 -22.42
C PRO B 57 8.41 -16.63 -20.98
N VAL B 58 7.62 -17.14 -20.04
CA VAL B 58 8.02 -17.27 -18.64
C VAL B 58 8.97 -18.47 -18.58
N ALA B 59 10.13 -18.27 -17.97
CA ALA B 59 11.09 -19.37 -17.87
C ALA B 59 10.76 -20.19 -16.64
N LEU B 60 10.72 -21.53 -16.77
CA LEU B 60 10.53 -22.46 -15.67
C LEU B 60 11.62 -22.17 -14.64
N ALA B 61 11.24 -22.05 -13.34
CA ALA B 61 12.17 -21.76 -12.27
C ALA B 61 13.26 -22.82 -12.20
N ARG B 62 12.88 -24.12 -12.40
CA ARG B 62 13.81 -25.25 -12.40
C ARG B 62 14.85 -25.13 -13.54
N ALA B 63 14.42 -24.67 -14.75
CA ALA B 63 15.33 -24.47 -15.89
C ALA B 63 16.32 -23.33 -15.60
N VAL B 64 15.88 -22.24 -14.93
CA VAL B 64 16.77 -21.13 -14.55
C VAL B 64 17.80 -21.66 -13.55
N SER B 65 17.34 -22.46 -12.57
CA SER B 65 18.22 -23.06 -11.57
C SER B 65 19.28 -23.95 -12.22
N ASN B 66 18.88 -24.83 -13.15
CA ASN B 66 19.81 -25.74 -13.84
C ASN B 66 20.81 -25.01 -14.72
N GLU B 67 20.35 -24.00 -15.45
CA GLU B 67 21.22 -23.29 -16.38
C GLU B 67 22.10 -22.22 -15.77
N ILE B 68 21.64 -21.58 -14.68
CA ILE B 68 22.36 -20.48 -14.05
C ILE B 68 22.90 -20.79 -12.64
N VAL B 69 22.09 -21.39 -11.77
CA VAL B 69 22.49 -21.60 -10.38
C VAL B 69 23.46 -22.81 -10.24
N ARG B 70 23.18 -23.92 -10.94
CA ARG B 70 23.94 -25.16 -10.90
C ARG B 70 25.44 -24.97 -11.17
N PHE B 71 26.29 -25.56 -10.31
CA PHE B 71 27.77 -25.47 -10.46
C PHE B 71 28.45 -26.70 -9.85
N PRO B 72 29.65 -27.11 -10.31
CA PRO B 72 30.30 -28.30 -9.71
C PRO B 72 30.84 -27.97 -8.33
N THR B 73 30.39 -28.70 -7.30
CA THR B 73 30.78 -28.48 -5.90
C THR B 73 32.32 -28.42 -5.72
N ASP B 74 33.09 -29.13 -6.57
CA ASP B 74 34.56 -29.11 -6.53
C ASP B 74 35.15 -27.69 -6.70
N GLN B 75 34.39 -26.78 -7.36
CA GLN B 75 34.77 -25.38 -7.59
C GLN B 75 34.42 -24.43 -6.42
N LEU B 76 33.69 -24.92 -5.38
CA LEU B 76 33.28 -24.07 -4.23
C LEU B 76 34.41 -23.21 -3.67
N THR B 77 34.11 -21.92 -3.47
CA THR B 77 35.05 -20.99 -2.91
C THR B 77 34.70 -20.69 -1.45
N PRO B 78 35.55 -21.08 -0.47
CA PRO B 78 35.25 -20.68 0.92
C PRO B 78 35.50 -19.18 1.06
N ASP B 79 34.69 -18.50 1.87
CA ASP B 79 34.84 -17.07 2.06
C ASP B 79 35.94 -16.82 3.11
N GLN B 80 37.08 -16.30 2.69
CA GLN B 80 38.24 -16.00 3.54
C GLN B 80 37.95 -14.97 4.62
N GLU B 81 36.96 -14.09 4.38
CA GLU B 81 36.58 -12.99 5.28
C GLU B 81 35.23 -13.16 6.00
N ARG B 82 34.59 -14.35 5.89
CA ARG B 82 33.31 -14.61 6.57
C ARG B 82 33.29 -16.01 7.15
N SER B 83 32.69 -16.17 8.33
CA SER B 83 32.52 -17.46 8.98
C SER B 83 31.14 -17.97 8.66
N LEU B 84 30.91 -19.30 8.82
CA LEU B 84 29.61 -19.94 8.64
C LEU B 84 28.57 -19.37 9.60
N MET B 85 29.05 -18.80 10.75
CA MET B 85 28.22 -18.09 11.73
C MET B 85 27.50 -16.91 11.04
N PHE B 86 28.15 -16.27 10.03
CA PHE B 86 27.59 -15.16 9.24
C PHE B 86 26.34 -15.61 8.46
N MET B 87 26.37 -16.84 7.89
CA MET B 87 25.21 -17.44 7.22
C MET B 87 24.14 -17.74 8.30
N GLN B 88 24.55 -18.41 9.38
CA GLN B 88 23.63 -18.83 10.43
C GLN B 88 22.88 -17.70 11.11
N TRP B 89 23.55 -16.55 11.41
CA TRP B 89 22.90 -15.40 12.02
C TRP B 89 21.82 -14.85 11.06
N GLY B 90 22.12 -14.88 9.76
CA GLY B 90 21.20 -14.48 8.70
C GLY B 90 19.89 -15.20 8.76
N GLN B 91 19.91 -16.55 8.85
CA GLN B 91 18.69 -17.38 8.93
C GLN B 91 17.93 -17.11 10.23
N LEU B 92 18.61 -17.17 11.39
CA LEU B 92 18.00 -16.91 12.69
C LEU B 92 17.30 -15.52 12.70
N LEU B 93 17.95 -14.48 12.15
CA LEU B 93 17.39 -13.13 12.14
C LEU B 93 16.18 -13.01 11.23
N ASP B 94 16.22 -13.69 10.06
CA ASP B 94 15.12 -13.78 9.12
C ASP B 94 13.92 -14.36 9.84
N HIS B 95 14.17 -15.33 10.74
CA HIS B 95 13.17 -16.03 11.52
C HIS B 95 12.60 -15.19 12.68
N ASP B 96 13.19 -14.00 12.89
CA ASP B 96 12.70 -13.02 13.83
C ASP B 96 11.81 -12.05 13.02
N LEU B 97 12.03 -11.97 11.70
CA LEU B 97 11.30 -11.01 10.86
C LEU B 97 10.08 -11.52 10.08
N ASP B 98 10.19 -12.67 9.36
CA ASP B 98 9.09 -13.12 8.54
C ASP B 98 8.93 -14.64 8.39
N PHE B 99 7.65 -15.06 8.38
CA PHE B 99 7.14 -16.40 8.11
C PHE B 99 5.88 -16.21 7.30
N THR B 100 5.94 -16.71 6.05
CA THR B 100 4.84 -16.59 5.12
C THR B 100 4.05 -17.89 5.19
N PRO B 101 2.88 -17.91 5.88
CA PRO B 101 2.11 -19.17 5.95
C PRO B 101 1.58 -19.66 4.61
N GLU B 102 1.43 -20.99 4.55
CA GLU B 102 0.91 -21.77 3.42
C GLU B 102 -0.16 -22.71 3.99
N PRO B 103 -1.11 -23.22 3.18
CA PRO B 103 -2.10 -24.15 3.74
C PRO B 103 -1.47 -25.49 4.09
N ASN C 2 -31.29 -0.10 8.91
CA ASN C 2 -31.40 0.96 7.91
C ASN C 2 -30.88 2.28 8.51
N CYS C 3 -29.73 2.75 7.99
CA CYS C 3 -28.97 3.94 8.44
C CYS C 3 -29.67 5.24 8.18
N GLU C 4 -30.64 5.23 7.29
CA GLU C 4 -31.43 6.41 6.96
C GLU C 4 -32.55 6.60 7.95
N THR C 5 -33.01 5.51 8.59
CA THR C 5 -34.23 5.62 9.41
C THR C 5 -34.00 5.40 10.89
N SER C 6 -32.84 4.87 11.26
CA SER C 6 -32.51 4.56 12.65
C SER C 6 -31.23 5.28 13.13
N CYS C 7 -31.03 5.39 14.44
CA CYS C 7 -29.83 5.97 15.03
C CYS C 7 -28.98 4.92 15.76
N VAL C 8 -29.29 3.65 15.53
CA VAL C 8 -28.57 2.53 16.14
C VAL C 8 -27.19 2.40 15.46
N GLN C 9 -26.13 2.33 16.28
CA GLN C 9 -24.75 2.18 15.83
C GLN C 9 -24.41 0.69 15.74
N GLN C 10 -24.82 0.09 14.64
CA GLN C 10 -24.56 -1.31 14.32
C GLN C 10 -24.23 -1.40 12.83
N PRO C 11 -23.39 -2.40 12.40
CA PRO C 11 -23.08 -2.51 10.96
C PRO C 11 -24.33 -2.46 10.08
N PRO C 12 -24.35 -1.65 9.01
CA PRO C 12 -23.24 -0.90 8.41
C PRO C 12 -23.31 0.61 8.71
N CYS C 13 -23.95 0.98 9.82
CA CYS C 13 -24.18 2.37 10.23
C CYS C 13 -23.07 2.93 11.13
N PHE C 14 -22.83 4.25 11.05
CA PHE C 14 -21.88 4.97 11.92
C PHE C 14 -22.50 6.36 12.07
N PRO C 15 -23.69 6.45 12.75
CA PRO C 15 -24.42 7.73 12.78
C PRO C 15 -23.66 8.84 13.44
N LEU C 16 -23.81 10.06 12.94
CA LEU C 16 -23.15 11.19 13.56
C LEU C 16 -23.90 11.52 14.82
N LYS C 17 -23.23 11.45 16.00
CA LYS C 17 -23.89 11.81 17.25
C LYS C 17 -24.12 13.33 17.28
N ILE C 18 -25.13 13.76 18.00
CA ILE C 18 -25.49 15.19 18.08
C ILE C 18 -24.92 15.86 19.34
N PRO C 19 -24.23 17.02 19.22
CA PRO C 19 -23.72 17.69 20.41
C PRO C 19 -24.82 18.38 21.23
N PRO C 20 -24.61 18.69 22.54
CA PRO C 20 -25.61 19.46 23.27
C PRO C 20 -25.75 20.87 22.68
N ASN C 21 -26.90 21.51 22.88
CA ASN C 21 -27.20 22.87 22.38
C ASN C 21 -26.94 23.06 20.88
N ASP C 22 -27.27 22.03 20.06
CA ASP C 22 -27.11 22.07 18.60
C ASP C 22 -28.10 23.10 18.07
N PRO C 23 -27.72 23.96 17.10
CA PRO C 23 -28.67 24.97 16.60
C PRO C 23 -29.87 24.45 15.79
N ARG C 24 -29.90 23.14 15.45
CA ARG C 24 -31.02 22.56 14.69
C ARG C 24 -31.64 21.33 15.37
N ILE C 25 -30.80 20.33 15.69
CA ILE C 25 -31.23 19.06 16.29
C ILE C 25 -31.22 19.14 17.85
N LYS C 26 -32.41 19.43 18.42
CA LYS C 26 -32.65 19.60 19.86
C LYS C 26 -32.61 18.29 20.62
N ASN C 27 -33.00 17.17 19.97
CA ASN C 27 -32.92 15.87 20.62
C ASN C 27 -31.56 15.18 20.35
N GLN C 28 -30.73 15.07 21.39
CA GLN C 28 -29.41 14.41 21.32
C GLN C 28 -29.51 12.89 21.08
N ALA C 29 -30.75 12.32 21.15
CA ALA C 29 -31.10 10.91 20.87
C ALA C 29 -31.21 10.68 19.36
N ASP C 30 -31.32 11.76 18.59
CA ASP C 30 -31.39 11.75 17.14
C ASP C 30 -29.91 11.70 16.63
N CYS C 31 -29.70 11.66 15.31
CA CYS C 31 -28.36 11.56 14.71
C CYS C 31 -28.40 12.08 13.29
N ILE C 32 -27.25 12.09 12.62
CA ILE C 32 -27.22 12.39 11.18
C ILE C 32 -26.98 11.02 10.49
N PRO C 33 -27.84 10.59 9.54
CA PRO C 33 -27.62 9.27 8.88
C PRO C 33 -26.23 9.11 8.30
N PHE C 34 -25.67 7.91 8.40
CA PHE C 34 -24.35 7.63 7.86
C PHE C 34 -24.17 6.15 7.71
N PHE C 35 -23.84 5.73 6.49
CA PHE C 35 -23.52 4.36 6.15
C PHE C 35 -22.02 4.34 5.94
N ARG C 36 -21.33 3.37 6.55
CA ARG C 36 -19.89 3.19 6.37
C ARG C 36 -19.67 2.73 4.94
N SER C 37 -18.58 3.18 4.33
CA SER C 37 -18.22 2.77 2.99
C SER C 37 -17.91 1.26 3.00
N CSO C 38 -18.28 0.56 1.91
CA CSO C 38 -18.07 -0.88 1.78
CB CSO C 38 -18.46 -1.35 0.36
SG CSO C 38 -20.23 -1.10 -0.05
C CSO C 38 -16.58 -1.25 1.92
O CSO C 38 -15.72 -0.62 1.30
OD CSO C 38 -20.64 -2.28 0.79
N PRO C 39 -16.23 -2.28 2.71
CA PRO C 39 -14.81 -2.65 2.78
C PRO C 39 -14.39 -3.49 1.55
N ALA C 40 -13.10 -3.42 1.18
CA ALA C 40 -12.51 -4.19 0.07
C ALA C 40 -12.51 -5.70 0.40
N CYS C 41 -12.32 -6.03 1.69
CA CYS C 41 -12.35 -7.42 2.18
C CYS C 41 -13.36 -7.56 3.33
N PRO C 42 -14.68 -7.72 3.05
CA PRO C 42 -15.67 -7.81 4.15
C PRO C 42 -15.46 -8.97 5.14
N GLY C 43 -15.58 -8.65 6.43
CA GLY C 43 -15.48 -9.56 7.56
C GLY C 43 -14.09 -10.01 7.95
N SER C 44 -13.05 -9.50 7.27
CA SER C 44 -11.67 -9.90 7.52
C SER C 44 -11.12 -9.50 8.89
N ASN C 45 -10.37 -10.44 9.47
CA ASN C 45 -9.66 -10.34 10.74
C ASN C 45 -8.14 -10.19 10.47
N ILE C 46 -7.77 -10.10 9.19
CA ILE C 46 -6.37 -9.95 8.74
C ILE C 46 -6.13 -8.55 8.15
N THR C 47 -7.00 -8.09 7.25
CA THR C 47 -6.79 -6.81 6.57
C THR C 47 -7.02 -5.56 7.44
N ILE C 48 -6.36 -4.45 7.07
CA ILE C 48 -6.59 -3.12 7.63
C ILE C 48 -7.62 -2.57 6.64
N ARG C 49 -8.82 -2.28 7.14
CA ARG C 49 -9.94 -1.88 6.32
C ARG C 49 -9.59 -0.83 5.28
N ASN C 50 -9.92 -1.15 4.02
CA ASN C 50 -9.75 -0.21 2.93
C ASN C 50 -11.08 -0.09 2.16
N GLN C 51 -11.26 1.02 1.48
CA GLN C 51 -12.46 1.30 0.72
C GLN C 51 -12.20 1.07 -0.78
N ILE C 52 -13.27 0.95 -1.55
CA ILE C 52 -13.24 0.69 -2.99
C ILE C 52 -13.57 1.93 -3.82
N ASN C 53 -12.94 2.05 -4.99
CA ASN C 53 -13.28 3.07 -5.97
C ASN C 53 -14.04 2.30 -7.06
N ALA C 54 -15.35 2.62 -7.23
CA ALA C 54 -16.21 1.98 -8.24
C ALA C 54 -15.91 2.42 -9.68
N LEU C 55 -15.16 3.54 -9.84
CA LEU C 55 -14.84 4.17 -11.14
C LEU C 55 -13.41 4.04 -11.60
N THR C 56 -13.16 4.36 -12.91
CA THR C 56 -11.80 4.36 -13.47
C THR C 56 -11.21 5.64 -12.96
N SER C 57 -10.02 5.55 -12.39
CA SER C 57 -9.32 6.71 -11.82
C SER C 57 -8.92 7.69 -12.92
N PHE C 58 -8.74 7.18 -14.16
CA PHE C 58 -8.34 7.93 -15.35
C PHE C 58 -9.29 9.07 -15.68
N VAL C 59 -8.74 10.17 -16.22
CA VAL C 59 -9.55 11.30 -16.70
C VAL C 59 -9.89 10.85 -18.14
N ASP C 60 -10.88 10.00 -18.25
CA ASP C 60 -11.30 9.35 -19.48
C ASP C 60 -12.77 9.57 -19.76
N ALA C 61 -13.38 10.55 -19.09
CA ALA C 61 -14.81 10.89 -19.18
C ALA C 61 -15.72 9.70 -18.83
N SER C 62 -15.30 8.86 -17.85
CA SER C 62 -16.08 7.69 -17.43
C SER C 62 -17.43 8.09 -16.81
N MET C 63 -17.58 9.38 -16.38
CA MET C 63 -18.86 9.89 -15.87
C MET C 63 -19.91 9.96 -17.01
N VAL C 64 -19.46 9.93 -18.26
CA VAL C 64 -20.28 9.92 -19.48
C VAL C 64 -20.53 8.45 -19.96
N TYR C 65 -19.47 7.67 -20.10
CA TYR C 65 -19.49 6.34 -20.70
C TYR C 65 -19.74 5.17 -19.78
N GLY C 66 -19.44 5.34 -18.49
CA GLY C 66 -19.57 4.27 -17.50
C GLY C 66 -18.25 3.63 -17.20
N SER C 67 -18.15 2.96 -16.06
CA SER C 67 -16.93 2.27 -15.63
C SER C 67 -17.05 0.71 -15.62
N GLU C 68 -18.20 0.20 -16.05
CA GLU C 68 -18.51 -1.24 -16.11
C GLU C 68 -19.15 -1.56 -17.48
N GLU C 69 -18.77 -2.70 -18.08
CA GLU C 69 -19.23 -3.14 -19.41
C GLU C 69 -20.78 -3.21 -19.57
N PRO C 70 -21.56 -3.81 -18.60
CA PRO C 70 -23.03 -3.84 -18.78
C PRO C 70 -23.68 -2.45 -18.89
N LEU C 71 -23.31 -1.53 -17.98
CA LEU C 71 -23.78 -0.16 -17.98
C LEU C 71 -23.34 0.56 -19.27
N ALA C 72 -22.08 0.39 -19.69
CA ALA C 72 -21.54 1.04 -20.89
C ALA C 72 -22.34 0.64 -22.14
N ARG C 73 -22.75 -0.65 -22.22
CA ARG C 73 -23.57 -1.18 -23.30
C ARG C 73 -24.95 -0.49 -23.28
N ASN C 74 -25.61 -0.45 -22.10
CA ASN C 74 -26.94 0.15 -21.88
C ASN C 74 -26.99 1.67 -22.09
N LEU C 75 -25.85 2.36 -22.03
CA LEU C 75 -25.79 3.82 -22.24
C LEU C 75 -25.68 4.15 -23.73
N ARG C 76 -25.47 3.13 -24.55
CA ARG C 76 -25.32 3.27 -26.01
C ARG C 76 -26.61 3.01 -26.75
N ASN C 77 -26.76 3.66 -27.91
CA ASN C 77 -27.87 3.46 -28.83
C ASN C 77 -27.47 2.29 -29.74
N MET C 78 -28.05 1.09 -29.50
CA MET C 78 -27.74 -0.11 -30.31
C MET C 78 -28.79 -0.37 -31.41
N SER C 79 -29.73 0.57 -31.61
CA SER C 79 -30.80 0.50 -32.61
C SER C 79 -30.35 0.88 -34.05
N ASN C 80 -29.05 1.25 -34.21
CA ASN C 80 -28.44 1.60 -35.49
C ASN C 80 -26.91 1.42 -35.41
N GLN C 81 -26.15 1.91 -36.43
CA GLN C 81 -24.68 1.84 -36.49
C GLN C 81 -24.06 3.23 -36.53
N LEU C 82 -24.69 4.21 -35.84
CA LEU C 82 -24.21 5.58 -35.79
C LEU C 82 -23.25 5.84 -34.59
N GLY C 83 -23.12 4.88 -33.68
CA GLY C 83 -22.23 4.96 -32.51
C GLY C 83 -22.55 6.08 -31.55
N LEU C 84 -23.85 6.30 -31.34
CA LEU C 84 -24.40 7.32 -30.48
C LEU C 84 -24.69 6.74 -29.12
N LEU C 85 -24.78 7.63 -28.13
CA LEU C 85 -25.20 7.32 -26.78
C LEU C 85 -26.73 7.46 -26.79
N ALA C 86 -27.43 6.59 -26.06
CA ALA C 86 -28.90 6.63 -25.98
C ALA C 86 -29.36 7.96 -25.36
N VAL C 87 -30.47 8.49 -25.88
CA VAL C 87 -31.03 9.75 -25.39
C VAL C 87 -32.42 9.48 -24.79
N ASN C 88 -32.98 10.48 -24.08
CA ASN C 88 -34.31 10.38 -23.45
C ASN C 88 -35.35 10.14 -24.54
N GLN C 89 -36.23 9.16 -24.33
CA GLN C 89 -37.26 8.73 -25.27
C GLN C 89 -38.66 9.37 -25.01
N ARG C 90 -38.79 10.15 -23.92
CA ARG C 90 -40.04 10.80 -23.52
C ARG C 90 -39.97 12.32 -23.61
N PHE C 91 -38.76 12.90 -23.46
CA PHE C 91 -38.60 14.37 -23.45
C PHE C 91 -37.37 14.84 -24.19
N GLN C 92 -37.43 16.09 -24.66
CA GLN C 92 -36.36 16.82 -25.34
C GLN C 92 -36.34 18.22 -24.76
N ASP C 93 -35.19 18.91 -24.85
CA ASP C 93 -34.98 20.26 -24.35
C ASP C 93 -34.94 21.15 -25.59
N ASN C 94 -36.09 21.73 -25.96
CA ASN C 94 -36.26 22.53 -27.18
C ASN C 94 -35.65 21.77 -28.42
N GLY C 95 -36.05 20.52 -28.57
CA GLY C 95 -35.60 19.64 -29.64
C GLY C 95 -34.21 19.05 -29.47
N ARG C 96 -33.56 19.32 -28.32
CA ARG C 96 -32.21 18.79 -28.04
C ARG C 96 -32.26 17.68 -27.03
N ALA C 97 -31.32 16.73 -27.15
CA ALA C 97 -31.21 15.52 -26.34
C ALA C 97 -31.17 15.74 -24.80
N LEU C 98 -31.78 14.83 -24.06
CA LEU C 98 -31.68 14.80 -22.60
C LEU C 98 -31.15 13.41 -22.28
N LEU C 99 -30.58 13.23 -21.10
CA LEU C 99 -30.10 11.92 -20.66
C LEU C 99 -31.32 11.00 -20.55
N PRO C 100 -31.21 9.68 -20.87
CA PRO C 100 -32.37 8.80 -20.63
C PRO C 100 -32.63 8.71 -19.12
N PHE C 101 -33.86 8.33 -18.71
CA PHE C 101 -34.20 8.13 -17.31
C PHE C 101 -33.62 6.81 -16.86
N ASP C 102 -33.39 6.68 -15.56
CA ASP C 102 -32.90 5.45 -14.95
C ASP C 102 -34.14 4.78 -14.35
N ASN C 103 -34.00 3.52 -13.94
CA ASN C 103 -35.04 2.73 -13.28
C ASN C 103 -34.53 2.34 -11.89
N LEU C 104 -34.67 3.25 -10.93
CA LEU C 104 -34.19 3.06 -9.56
C LEU C 104 -35.21 2.44 -8.60
N HIS C 105 -34.78 1.41 -7.83
CA HIS C 105 -35.61 0.71 -6.82
C HIS C 105 -36.23 1.72 -5.86
N ASP C 106 -35.38 2.59 -5.27
CA ASP C 106 -35.81 3.71 -4.43
C ASP C 106 -35.30 4.99 -5.16
N ASP C 107 -36.14 5.55 -6.03
CA ASP C 107 -35.79 6.72 -6.82
C ASP C 107 -36.00 8.02 -6.01
N PRO C 108 -34.89 8.68 -5.58
CA PRO C 108 -35.04 9.94 -4.81
C PRO C 108 -35.59 11.10 -5.63
N CYS C 109 -35.34 11.13 -6.95
CA CYS C 109 -35.84 12.21 -7.81
C CYS C 109 -37.36 12.31 -7.79
N LEU C 110 -38.05 11.17 -7.85
CA LEU C 110 -39.50 11.01 -7.71
C LEU C 110 -40.09 11.65 -6.41
N LEU C 111 -39.24 11.82 -5.37
CA LEU C 111 -39.61 12.40 -4.08
C LEU C 111 -39.48 13.92 -4.01
N THR C 112 -38.70 14.54 -4.91
CA THR C 112 -38.45 15.99 -4.89
C THR C 112 -39.68 16.79 -5.29
N ASN C 113 -40.52 16.24 -6.17
CA ASN C 113 -41.82 16.77 -6.61
C ASN C 113 -42.65 15.56 -6.92
N ARG C 114 -43.51 15.18 -5.94
CA ARG C 114 -44.41 14.02 -6.02
C ARG C 114 -45.30 14.04 -7.27
N SER C 115 -45.87 15.21 -7.60
CA SER C 115 -46.77 15.43 -8.72
C SER C 115 -46.09 15.38 -10.11
N ALA C 116 -44.82 15.85 -10.24
CA ALA C 116 -44.15 15.83 -11.53
C ALA C 116 -43.80 14.41 -12.03
N ARG C 117 -43.56 13.46 -11.10
CA ARG C 117 -43.27 12.05 -11.44
C ARG C 117 -42.10 11.89 -12.44
N ILE C 118 -41.06 12.78 -12.32
CA ILE C 118 -39.86 12.74 -13.17
C ILE C 118 -38.74 11.96 -12.43
N PRO C 119 -38.38 10.76 -12.92
CA PRO C 119 -37.34 9.98 -12.24
C PRO C 119 -35.91 10.53 -12.46
N CYS C 120 -34.92 9.87 -11.83
CA CYS C 120 -33.51 10.22 -11.97
C CYS C 120 -33.00 9.86 -13.39
N PHE C 121 -31.95 10.55 -13.84
CA PHE C 121 -31.35 10.32 -15.13
C PHE C 121 -30.34 9.19 -15.07
N LEU C 122 -30.08 8.54 -16.21
CA LEU C 122 -29.10 7.47 -16.31
C LEU C 122 -27.90 7.99 -17.11
N ALA C 123 -26.72 7.95 -16.47
CA ALA C 123 -25.45 8.41 -17.07
C ALA C 123 -24.34 7.42 -16.66
N GLY C 124 -23.08 7.69 -17.03
CA GLY C 124 -21.93 6.84 -16.72
C GLY C 124 -21.61 6.70 -15.23
N ASP C 125 -22.02 7.69 -14.44
CA ASP C 125 -21.89 7.77 -12.99
C ASP C 125 -23.31 7.93 -12.39
N THR C 126 -23.54 7.33 -11.21
CA THR C 126 -24.85 7.33 -10.53
C THR C 126 -25.29 8.66 -9.89
N ARG C 127 -24.43 9.67 -9.84
CA ARG C 127 -24.77 10.93 -9.18
C ARG C 127 -25.24 12.04 -10.14
N SER C 128 -25.47 11.74 -11.46
CA SER C 128 -25.79 12.77 -12.46
C SER C 128 -26.95 13.70 -12.07
N SER C 129 -27.96 13.22 -11.34
CA SER C 129 -29.14 13.99 -10.92
C SER C 129 -28.99 14.72 -9.57
N GLU C 130 -27.90 14.49 -8.80
CA GLU C 130 -27.69 15.11 -7.46
C GLU C 130 -28.01 16.64 -7.43
N MET C 131 -27.65 17.40 -8.50
CA MET C 131 -28.00 18.81 -8.66
C MET C 131 -28.22 19.12 -10.17
N PRO C 132 -29.27 19.89 -10.55
CA PRO C 132 -29.54 20.16 -11.98
C PRO C 132 -28.37 20.76 -12.76
N GLU C 133 -27.49 21.51 -12.08
CA GLU C 133 -26.30 22.15 -12.64
C GLU C 133 -25.34 21.04 -13.09
N LEU C 134 -25.25 19.98 -12.29
CA LEU C 134 -24.47 18.78 -12.58
C LEU C 134 -25.10 18.00 -13.76
N THR C 135 -26.44 17.85 -13.74
CA THR C 135 -27.19 17.18 -14.81
C THR C 135 -26.94 17.86 -16.16
N SER C 136 -26.84 19.19 -16.14
CA SER C 136 -26.61 20.03 -17.30
C SER C 136 -25.26 19.77 -17.95
N MET C 137 -24.21 19.52 -17.12
CA MET C 137 -22.85 19.25 -17.60
C MET C 137 -22.78 17.88 -18.19
N HIS C 138 -23.56 16.95 -17.59
CA HIS C 138 -23.72 15.58 -18.05
C HIS C 138 -24.45 15.57 -19.39
N THR C 139 -25.45 16.46 -19.55
CA THR C 139 -26.28 16.52 -20.77
C THR C 139 -25.48 17.10 -21.91
N LEU C 140 -24.70 18.14 -21.62
CA LEU C 140 -23.81 18.81 -22.56
C LEU C 140 -22.84 17.82 -23.23
N LEU C 141 -22.21 16.94 -22.43
CA LEU C 141 -21.25 15.95 -22.88
C LEU C 141 -21.92 14.80 -23.67
N LEU C 142 -23.16 14.41 -23.31
CA LEU C 142 -23.95 13.41 -24.04
C LEU C 142 -24.17 13.90 -25.48
N ARG C 143 -24.54 15.18 -25.62
CA ARG C 143 -24.77 15.86 -26.88
C ARG C 143 -23.47 16.01 -27.70
N GLU C 144 -22.36 16.40 -27.03
CA GLU C 144 -21.05 16.50 -27.68
C GLU C 144 -20.60 15.18 -28.31
N HIS C 145 -20.75 14.06 -27.59
CA HIS C 145 -20.39 12.73 -28.13
C HIS C 145 -21.15 12.48 -29.44
N ASN C 146 -22.49 12.55 -29.37
CA ASN C 146 -23.40 12.36 -30.49
C ASN C 146 -23.12 13.30 -31.66
N ARG C 147 -22.71 14.56 -31.37
CA ARG C 147 -22.36 15.57 -32.40
C ARG C 147 -21.05 15.18 -33.08
N LEU C 148 -20.09 14.61 -32.29
CA LEU C 148 -18.81 14.16 -32.83
C LEU C 148 -18.98 12.95 -33.72
N ALA C 149 -19.78 11.97 -33.26
CA ALA C 149 -20.14 10.73 -33.97
C ALA C 149 -20.81 11.02 -35.33
N THR C 150 -21.67 12.07 -35.39
CA THR C 150 -22.39 12.49 -36.59
C THR C 150 -21.43 13.06 -37.62
N GLU C 151 -20.54 13.96 -37.18
CA GLU C 151 -19.53 14.60 -38.02
C GLU C 151 -18.46 13.61 -38.43
N LEU C 152 -18.16 12.59 -37.58
CA LEU C 152 -17.16 11.57 -37.91
C LEU C 152 -17.71 10.63 -38.99
N LYS C 153 -19.05 10.40 -38.97
CA LYS C 153 -19.73 9.53 -39.93
C LYS C 153 -19.71 10.17 -41.32
N SER C 154 -19.87 11.50 -41.40
CA SER C 154 -19.85 12.27 -42.64
C SER C 154 -18.46 12.27 -43.29
N LEU C 155 -17.41 12.23 -42.46
CA LEU C 155 -16.01 12.22 -42.86
C LEU C 155 -15.54 10.81 -43.22
N ASN C 156 -16.00 9.79 -42.47
CA ASN C 156 -15.64 8.39 -42.68
C ASN C 156 -16.90 7.52 -42.83
N PRO C 157 -17.52 7.51 -44.05
CA PRO C 157 -18.79 6.77 -44.24
C PRO C 157 -18.72 5.26 -44.04
N ARG C 158 -17.56 4.65 -44.22
CA ARG C 158 -17.35 3.20 -44.09
C ARG C 158 -17.35 2.72 -42.63
N TRP C 159 -16.81 3.55 -41.70
CA TRP C 159 -16.73 3.31 -40.25
C TRP C 159 -18.04 2.80 -39.68
N ASP C 160 -17.97 1.67 -38.96
CA ASP C 160 -19.16 1.09 -38.32
C ASP C 160 -19.46 1.80 -36.99
N GLY C 161 -20.56 1.39 -36.33
CA GLY C 161 -21.03 1.93 -35.05
C GLY C 161 -20.00 1.93 -33.95
N GLU C 162 -19.31 0.80 -33.77
CA GLU C 162 -18.26 0.59 -32.77
C GLU C 162 -17.12 1.58 -32.92
N ARG C 163 -16.63 1.73 -34.16
CA ARG C 163 -15.54 2.65 -34.53
C ARG C 163 -15.91 4.11 -34.28
N LEU C 164 -17.15 4.51 -34.67
CA LEU C 164 -17.66 5.87 -34.50
C LEU C 164 -17.80 6.19 -33.01
N TYR C 165 -18.34 5.23 -32.20
CA TYR C 165 -18.50 5.42 -30.75
C TYR C 165 -17.13 5.57 -30.08
N GLN C 166 -16.18 4.68 -30.40
CA GLN C 166 -14.82 4.72 -29.86
C GLN C 166 -14.07 5.99 -30.22
N GLU C 167 -14.15 6.45 -31.48
CA GLU C 167 -13.46 7.67 -31.91
C GLU C 167 -14.07 8.93 -31.29
N ALA C 168 -15.38 8.95 -31.05
CA ALA C 168 -16.03 10.11 -30.46
C ALA C 168 -15.75 10.14 -28.95
N ARG C 169 -15.69 8.95 -28.31
CA ARG C 169 -15.38 8.72 -26.89
C ARG C 169 -13.97 9.22 -26.57
N LYS C 170 -13.02 8.95 -27.51
CA LYS C 170 -11.62 9.31 -27.43
C LYS C 170 -11.47 10.83 -27.48
N ILE C 171 -12.24 11.49 -28.34
CA ILE C 171 -12.22 12.95 -28.43
C ILE C 171 -12.79 13.56 -27.13
N VAL C 172 -13.95 13.04 -26.64
CA VAL C 172 -14.59 13.55 -25.43
C VAL C 172 -13.64 13.46 -24.20
N GLY C 173 -12.99 12.31 -24.03
CA GLY C 173 -11.99 12.09 -22.97
C GLY C 173 -10.85 13.10 -23.02
N ALA C 174 -10.33 13.37 -24.25
CA ALA C 174 -9.27 14.36 -24.48
C ALA C 174 -9.75 15.75 -24.19
N MET C 175 -11.05 16.07 -24.47
CA MET C 175 -11.61 17.39 -24.16
C MET C 175 -11.71 17.58 -22.64
N VAL C 176 -12.09 16.51 -21.90
CA VAL C 176 -12.17 16.55 -20.43
C VAL C 176 -10.76 16.73 -19.85
N GLN C 177 -9.73 16.06 -20.44
CA GLN C 177 -8.32 16.20 -20.02
C GLN C 177 -7.79 17.62 -20.28
N ILE C 178 -8.09 18.18 -21.47
CA ILE C 178 -7.66 19.52 -21.84
C ILE C 178 -8.27 20.56 -20.92
N ILE C 179 -9.63 20.63 -20.79
CA ILE C 179 -10.27 21.60 -19.90
C ILE C 179 -9.73 21.50 -18.44
N THR C 180 -9.57 20.26 -17.92
CA THR C 180 -9.07 20.02 -16.55
C THR C 180 -7.66 20.59 -16.33
N TYR C 181 -6.70 20.19 -17.17
CA TYR C 181 -5.30 20.55 -16.97
C TYR C 181 -4.93 21.94 -17.52
N ARG C 182 -5.53 22.37 -18.64
CA ARG C 182 -5.20 23.70 -19.19
C ARG C 182 -5.94 24.82 -18.50
N ASP C 183 -7.25 24.62 -18.20
CA ASP C 183 -8.10 25.70 -17.65
C ASP C 183 -8.44 25.59 -16.16
N TYR C 184 -8.77 24.38 -15.70
CA TYR C 184 -9.24 24.16 -14.33
C TYR C 184 -8.15 24.14 -13.26
N LEU C 185 -7.21 23.17 -13.34
CA LEU C 185 -6.16 22.92 -12.34
C LEU C 185 -5.23 24.11 -12.05
N PRO C 186 -4.78 24.98 -13.00
CA PRO C 186 -3.96 26.14 -12.59
C PRO C 186 -4.68 27.10 -11.64
N LEU C 187 -6.01 27.23 -11.78
CA LEU C 187 -6.87 28.13 -10.99
C LEU C 187 -7.25 27.51 -9.62
N VAL C 188 -7.01 26.22 -9.49
CA VAL C 188 -7.21 25.50 -8.23
C VAL C 188 -5.93 25.68 -7.41
N LEU C 189 -4.78 25.33 -8.00
CA LEU C 189 -3.49 25.30 -7.34
C LEU C 189 -2.77 26.65 -7.21
N GLY C 190 -2.95 27.53 -8.19
CA GLY C 190 -2.20 28.78 -8.27
C GLY C 190 -0.89 28.50 -8.99
N PRO C 191 -0.15 29.50 -9.51
CA PRO C 191 1.05 29.18 -10.30
C PRO C 191 2.19 28.46 -9.59
N THR C 192 2.42 28.72 -8.28
CA THR C 192 3.53 28.12 -7.55
C THR C 192 3.37 26.59 -7.39
N ALA C 193 2.21 26.14 -6.90
CA ALA C 193 1.92 24.72 -6.70
C ALA C 193 1.74 23.99 -8.07
N MET C 194 1.27 24.72 -9.10
CA MET C 194 1.11 24.22 -10.47
C MET C 194 2.48 23.81 -11.03
N ARG C 195 3.50 24.66 -10.84
CA ARG C 195 4.86 24.43 -11.30
C ARG C 195 5.53 23.30 -10.54
N LYS C 196 5.30 23.24 -9.20
CA LYS C 196 5.88 22.24 -8.31
C LYS C 196 5.34 20.82 -8.55
N TYR C 197 4.00 20.66 -8.49
CA TYR C 197 3.36 19.35 -8.58
C TYR C 197 2.97 18.90 -9.98
N LEU C 198 2.71 19.82 -10.90
CA LEU C 198 2.36 19.47 -12.28
C LEU C 198 3.38 20.06 -13.26
N PRO C 199 4.64 19.56 -13.31
CA PRO C 199 5.59 20.11 -14.30
C PRO C 199 5.22 19.66 -15.70
N THR C 200 5.76 20.34 -16.71
CA THR C 200 5.48 20.07 -18.13
C THR C 200 5.55 18.56 -18.40
N TYR C 201 4.46 18.01 -18.97
CA TYR C 201 4.34 16.60 -19.32
C TYR C 201 5.51 16.20 -20.25
N ARG C 202 6.15 15.07 -19.97
CA ARG C 202 7.25 14.57 -20.79
C ARG C 202 6.73 13.43 -21.64
N SER C 203 6.25 12.34 -20.99
CA SER C 203 5.67 11.17 -21.65
C SER C 203 5.13 10.21 -20.63
N TYR C 204 4.49 9.15 -21.11
CA TYR C 204 3.92 8.10 -20.29
C TYR C 204 5.05 7.36 -19.54
N ASN C 205 4.81 7.14 -18.26
CA ASN C 205 5.72 6.40 -17.40
C ASN C 205 4.87 5.29 -16.74
N ASP C 206 5.11 4.03 -17.16
CA ASP C 206 4.34 2.87 -16.71
C ASP C 206 4.65 2.44 -15.24
N SER C 207 5.51 3.21 -14.56
CA SER C 207 5.87 2.96 -13.16
C SER C 207 5.18 3.97 -12.24
N VAL C 208 4.39 4.88 -12.83
CA VAL C 208 3.64 5.85 -12.03
C VAL C 208 2.29 5.21 -11.70
N ASP C 209 2.00 5.02 -10.38
CA ASP C 209 0.76 4.40 -9.91
C ASP C 209 -0.40 5.39 -10.18
N PRO C 210 -1.36 5.04 -11.09
CA PRO C 210 -2.44 5.99 -11.41
C PRO C 210 -3.68 5.87 -10.55
N ARG C 211 -3.67 5.02 -9.51
CA ARG C 211 -4.82 4.85 -8.61
C ARG C 211 -5.17 6.12 -7.80
N ILE C 212 -6.48 6.27 -7.44
CA ILE C 212 -6.91 7.37 -6.61
C ILE C 212 -6.47 6.98 -5.18
N ALA C 213 -5.80 7.90 -4.47
CA ALA C 213 -5.43 7.66 -3.08
C ALA C 213 -6.68 7.87 -2.26
N ASN C 214 -6.85 7.05 -1.21
CA ASN C 214 -7.95 7.17 -0.26
C ASN C 214 -8.09 8.63 0.25
N VAL C 215 -6.98 9.29 0.64
CA VAL C 215 -7.01 10.69 1.10
C VAL C 215 -7.65 11.67 0.08
N PHE C 216 -7.40 11.44 -1.22
CA PHE C 216 -7.91 12.30 -2.28
C PHE C 216 -9.45 12.39 -2.31
N THR C 217 -10.16 11.29 -2.04
CA THR C 217 -11.65 11.29 -1.99
C THR C 217 -12.19 12.31 -0.98
N ASN C 218 -11.40 12.63 0.05
CA ASN C 218 -11.77 13.59 1.07
C ASN C 218 -11.16 14.95 0.78
N ALA C 219 -9.84 15.02 0.40
CA ALA C 219 -9.20 16.30 0.11
C ALA C 219 -9.89 17.11 -1.00
N PHE C 220 -10.33 16.42 -2.08
CA PHE C 220 -10.94 17.06 -3.26
C PHE C 220 -12.36 17.61 -2.99
N ARG C 221 -12.93 17.29 -1.79
CA ARG C 221 -14.20 17.83 -1.31
C ARG C 221 -14.00 19.29 -0.87
N TYR C 222 -12.80 19.87 -1.12
CA TYR C 222 -12.49 21.29 -0.85
C TYR C 222 -13.53 22.16 -1.61
N GLY C 223 -14.04 21.63 -2.74
CA GLY C 223 -15.02 22.27 -3.60
C GLY C 223 -16.34 22.60 -2.96
N HIS C 224 -16.69 21.90 -1.85
CA HIS C 224 -17.91 22.19 -1.08
C HIS C 224 -17.86 23.61 -0.50
N THR C 225 -16.65 24.17 -0.32
CA THR C 225 -16.49 25.57 0.13
C THR C 225 -16.86 26.58 -1.00
N LEU C 226 -17.01 26.10 -2.26
CA LEU C 226 -17.32 26.97 -3.40
C LEU C 226 -18.80 27.10 -3.69
N ILE C 227 -19.61 26.27 -3.03
CA ILE C 227 -21.03 26.15 -3.25
C ILE C 227 -21.82 27.39 -2.80
N GLN C 228 -22.59 27.94 -3.75
CA GLN C 228 -23.50 29.07 -3.54
C GLN C 228 -24.84 28.50 -3.00
N PRO C 229 -25.59 29.22 -2.12
CA PRO C 229 -26.81 28.63 -1.55
C PRO C 229 -28.03 28.53 -2.49
N PHE C 230 -27.88 28.97 -3.74
CA PHE C 230 -28.94 28.93 -4.74
C PHE C 230 -28.50 28.32 -6.05
N MET C 231 -29.49 27.92 -6.86
CA MET C 231 -29.32 27.54 -8.24
C MET C 231 -29.81 28.80 -8.99
N PHE C 232 -28.98 29.33 -9.89
CA PHE C 232 -29.27 30.56 -10.63
C PHE C 232 -29.60 30.26 -12.07
N ARG C 233 -30.80 30.67 -12.52
CA ARG C 233 -31.25 30.46 -13.90
C ARG C 233 -31.42 31.77 -14.64
N LEU C 234 -30.82 31.86 -15.84
CA LEU C 234 -30.86 33.07 -16.66
C LEU C 234 -31.40 32.84 -18.08
N ASP C 235 -32.14 33.83 -18.63
CA ASP C 235 -32.71 33.78 -19.97
C ASP C 235 -31.70 34.20 -21.05
N ASN C 236 -32.12 34.32 -22.33
CA ASN C 236 -31.25 34.70 -23.45
C ASN C 236 -30.67 36.12 -23.38
N ARG C 237 -31.09 36.93 -22.39
CA ARG C 237 -30.52 38.27 -22.16
C ARG C 237 -29.62 38.25 -20.90
N TYR C 238 -29.40 37.03 -20.32
CA TYR C 238 -28.65 36.77 -19.08
C TYR C 238 -29.26 37.50 -17.88
N GLN C 239 -30.60 37.60 -17.89
CA GLN C 239 -31.40 38.27 -16.86
C GLN C 239 -32.12 37.20 -16.06
N PRO C 240 -32.46 37.47 -14.77
CA PRO C 240 -33.15 36.43 -13.97
C PRO C 240 -34.36 35.83 -14.69
N MET C 241 -34.38 34.50 -14.85
CA MET C 241 -35.48 33.83 -15.53
C MET C 241 -36.63 33.56 -14.55
N GLU C 242 -37.65 34.43 -14.61
CA GLU C 242 -38.86 34.41 -13.76
C GLU C 242 -39.74 33.17 -13.99
N PRO C 243 -40.51 32.71 -12.98
CA PRO C 243 -40.69 33.28 -11.62
C PRO C 243 -39.72 32.76 -10.55
N ASN C 244 -38.76 31.87 -10.91
CA ASN C 244 -37.83 31.29 -9.94
C ASN C 244 -36.32 31.47 -10.30
N PRO C 245 -35.79 32.72 -10.29
CA PRO C 245 -34.35 32.92 -10.61
C PRO C 245 -33.35 32.33 -9.61
N ARG C 246 -33.59 32.49 -8.28
CA ARG C 246 -32.70 31.96 -7.23
C ARG C 246 -33.44 30.91 -6.40
N VAL C 247 -33.37 29.66 -6.85
CA VAL C 247 -34.02 28.57 -6.15
C VAL C 247 -33.03 28.06 -5.07
N PRO C 248 -33.44 28.02 -3.76
CA PRO C 248 -32.51 27.48 -2.72
C PRO C 248 -32.04 26.06 -3.05
N LEU C 249 -30.74 25.79 -2.86
CA LEU C 249 -30.12 24.50 -3.16
C LEU C 249 -30.85 23.31 -2.52
N SER C 250 -31.41 23.48 -1.28
CA SER C 250 -32.18 22.41 -0.62
C SER C 250 -33.46 22.01 -1.38
N ARG C 251 -33.88 22.83 -2.36
CA ARG C 251 -35.05 22.55 -3.18
C ARG C 251 -34.66 22.02 -4.60
N VAL C 252 -33.33 21.92 -4.92
CA VAL C 252 -32.85 21.41 -6.22
C VAL C 252 -32.19 20.01 -6.14
N PHE C 253 -31.78 19.50 -4.97
CA PHE C 253 -31.12 18.18 -4.93
C PHE C 253 -32.01 17.08 -5.48
N PHE C 254 -31.48 16.31 -6.44
CA PHE C 254 -32.16 15.22 -7.12
C PHE C 254 -33.46 15.70 -7.80
N ALA C 255 -33.57 16.99 -8.05
CA ALA C 255 -34.76 17.57 -8.67
C ALA C 255 -34.63 17.59 -10.23
N SER C 256 -34.51 16.37 -10.83
CA SER C 256 -34.44 16.15 -12.30
C SER C 256 -35.70 16.69 -13.02
N TRP C 257 -36.85 16.80 -12.29
CA TRP C 257 -38.10 17.36 -12.80
C TRP C 257 -37.92 18.79 -13.25
N ARG C 258 -37.01 19.56 -12.61
CA ARG C 258 -36.68 20.96 -12.96
C ARG C 258 -36.01 21.10 -14.36
N VAL C 259 -35.12 20.16 -14.74
CA VAL C 259 -34.46 20.16 -16.04
C VAL C 259 -35.54 19.89 -17.11
N VAL C 260 -36.33 18.82 -16.88
CA VAL C 260 -37.40 18.34 -17.74
C VAL C 260 -38.59 19.32 -17.85
N LEU C 261 -39.04 19.95 -16.76
CA LEU C 261 -40.24 20.82 -16.79
C LEU C 261 -40.01 22.33 -16.54
N GLU C 262 -38.78 22.79 -16.23
CA GLU C 262 -38.57 24.23 -15.98
C GLU C 262 -37.55 24.91 -16.92
N GLY C 263 -37.52 24.53 -18.20
CA GLY C 263 -36.69 25.22 -19.17
C GLY C 263 -35.41 24.60 -19.68
N GLY C 264 -35.17 23.33 -19.34
CA GLY C 264 -33.98 22.62 -19.82
C GLY C 264 -32.66 23.07 -19.23
N ILE C 265 -31.55 22.83 -19.97
CA ILE C 265 -30.19 23.07 -19.48
C ILE C 265 -29.61 24.48 -19.85
N ASP C 266 -30.22 25.21 -20.81
CA ASP C 266 -29.73 26.54 -21.19
C ASP C 266 -29.78 27.57 -20.03
N PRO C 267 -30.89 27.71 -19.25
CA PRO C 267 -30.89 28.70 -18.15
C PRO C 267 -29.89 28.37 -17.06
N ILE C 268 -29.68 27.06 -16.81
CA ILE C 268 -28.75 26.53 -15.82
C ILE C 268 -27.27 26.83 -16.23
N LEU C 269 -26.91 26.54 -17.49
CA LEU C 269 -25.55 26.81 -17.98
C LEU C 269 -25.20 28.30 -17.94
N ARG C 270 -26.17 29.18 -18.32
CA ARG C 270 -25.99 30.63 -18.26
C ARG C 270 -25.78 31.08 -16.78
N GLY C 271 -26.59 30.53 -15.86
CA GLY C 271 -26.44 30.81 -14.43
C GLY C 271 -25.07 30.45 -13.90
N LEU C 272 -24.51 29.31 -14.35
CA LEU C 272 -23.17 28.84 -13.96
C LEU C 272 -22.07 29.77 -14.48
N MET C 273 -22.23 30.24 -15.72
CA MET C 273 -21.26 31.12 -16.38
C MET C 273 -21.29 32.56 -15.85
N ALA C 274 -22.50 33.10 -15.60
CA ALA C 274 -22.69 34.51 -15.21
C ALA C 274 -22.80 34.78 -13.70
N THR C 275 -22.72 33.76 -12.85
CA THR C 275 -22.78 33.94 -11.39
C THR C 275 -21.42 33.60 -10.78
N PRO C 276 -20.90 34.43 -9.83
CA PRO C 276 -19.64 34.07 -9.17
C PRO C 276 -19.79 32.84 -8.28
N ALA C 277 -18.67 32.12 -8.09
CA ALA C 277 -18.58 31.02 -7.13
C ALA C 277 -18.62 31.68 -5.75
N LYS C 278 -18.81 30.89 -4.71
CA LYS C 278 -18.70 31.42 -3.36
C LYS C 278 -17.19 31.35 -3.07
N LEU C 279 -16.64 32.34 -2.36
CA LEU C 279 -15.23 32.39 -1.99
C LEU C 279 -15.05 31.76 -0.62
N ASN C 280 -14.05 30.87 -0.49
CA ASN C 280 -13.75 30.25 0.78
C ASN C 280 -12.97 31.26 1.66
N ARG C 281 -13.48 31.57 2.85
CA ARG C 281 -12.83 32.47 3.83
C ARG C 281 -12.84 31.77 5.15
N GLN C 282 -11.85 32.02 5.98
CA GLN C 282 -11.65 31.31 7.24
C GLN C 282 -12.83 31.40 8.22
N ASN C 283 -13.72 32.40 8.08
CA ASN C 283 -14.94 32.52 8.90
C ASN C 283 -16.20 32.41 8.02
N GLN C 284 -16.03 31.94 6.76
CA GLN C 284 -17.09 31.73 5.75
C GLN C 284 -16.80 30.45 4.96
N ILE C 285 -16.62 29.32 5.66
CA ILE C 285 -16.22 28.04 5.02
C ILE C 285 -17.34 27.38 4.16
N ALA C 286 -18.51 27.05 4.71
CA ALA C 286 -19.58 26.42 3.92
C ALA C 286 -20.96 26.90 4.35
N VAL C 287 -21.87 27.01 3.38
CA VAL C 287 -23.26 27.51 3.57
C VAL C 287 -24.19 26.51 4.24
N ASP C 288 -25.19 27.03 4.96
CA ASP C 288 -26.21 26.20 5.63
C ASP C 288 -27.09 25.40 4.65
N GLU C 289 -27.07 25.72 3.33
CA GLU C 289 -27.82 24.96 2.33
C GLU C 289 -27.33 23.53 2.20
N ILE C 290 -26.04 23.30 2.50
CA ILE C 290 -25.39 21.99 2.55
C ILE C 290 -25.05 21.57 4.00
N ARG C 291 -24.90 22.54 4.90
CA ARG C 291 -24.57 22.31 6.32
C ARG C 291 -25.79 21.95 7.18
N GLU C 292 -26.97 22.45 6.84
CA GLU C 292 -28.21 22.19 7.60
C GLU C 292 -29.30 21.51 6.72
N ARG C 293 -29.32 21.80 5.41
CA ARG C 293 -30.42 21.31 4.56
C ARG C 293 -30.01 20.39 3.42
N LEU C 294 -28.87 19.70 3.55
CA LEU C 294 -28.46 18.81 2.48
C LEU C 294 -29.47 17.68 2.36
N PHE C 295 -30.02 17.48 1.14
CA PHE C 295 -31.00 16.43 0.76
C PHE C 295 -32.29 16.50 1.61
N GLU C 296 -32.67 17.71 2.02
CA GLU C 296 -33.84 17.98 2.88
C GLU C 296 -35.15 17.32 2.40
N GLN C 297 -35.40 17.31 1.10
CA GLN C 297 -36.57 16.74 0.44
C GLN C 297 -36.58 15.18 0.25
N VAL C 298 -35.46 14.50 0.51
CA VAL C 298 -35.36 13.05 0.23
C VAL C 298 -34.80 12.22 1.40
N MET C 299 -34.61 12.87 2.56
CA MET C 299 -34.10 12.26 3.78
C MET C 299 -35.08 12.58 4.93
N ARG C 300 -34.99 11.88 6.08
CA ARG C 300 -35.89 12.16 7.22
C ARG C 300 -35.55 13.51 7.90
N ILE C 301 -34.35 14.02 7.62
CA ILE C 301 -33.82 15.26 8.17
C ILE C 301 -32.73 15.78 7.18
N GLY C 302 -32.41 17.07 7.27
CA GLY C 302 -31.34 17.66 6.47
C GLY C 302 -29.99 17.17 6.94
N LEU C 303 -29.11 16.89 6.00
CA LEU C 303 -27.79 16.39 6.33
C LEU C 303 -26.83 17.58 6.42
N ASP C 304 -25.65 17.34 6.97
CA ASP C 304 -24.59 18.33 7.13
C ASP C 304 -23.39 17.82 6.34
N LEU C 305 -23.20 18.34 5.09
CA LEU C 305 -22.11 17.92 4.22
C LEU C 305 -20.71 18.10 4.86
N PRO C 306 -20.29 19.29 5.37
CA PRO C 306 -19.00 19.37 6.08
C PRO C 306 -18.81 18.32 7.18
N ALA C 307 -19.85 18.07 8.01
CA ALA C 307 -19.78 17.05 9.10
C ALA C 307 -19.70 15.63 8.51
N LEU C 308 -20.40 15.38 7.38
CA LEU C 308 -20.32 14.07 6.70
C LEU C 308 -18.89 13.82 6.21
N ASN C 309 -18.20 14.88 5.72
CA ASN C 309 -16.81 14.83 5.22
C ASN C 309 -15.85 14.35 6.30
N MET C 310 -16.03 14.89 7.54
CA MET C 310 -15.22 14.59 8.72
C MET C 310 -15.49 13.19 9.21
N GLN C 311 -16.76 12.80 9.25
CA GLN C 311 -17.13 11.45 9.64
C GLN C 311 -16.56 10.43 8.65
N ARG C 312 -16.60 10.76 7.31
CA ARG C 312 -16.09 9.96 6.19
C ARG C 312 -14.59 9.70 6.31
N SER C 313 -13.82 10.74 6.64
CA SER C 313 -12.37 10.61 6.82
C SER C 313 -12.03 9.63 7.97
N ARG C 314 -12.89 9.58 9.03
CA ARG C 314 -12.75 8.66 10.18
C ARG C 314 -13.18 7.23 9.75
N ASP C 315 -14.30 7.13 9.01
CA ASP C 315 -14.79 5.89 8.43
C ASP C 315 -13.64 5.21 7.63
N HIS C 316 -12.92 6.02 6.85
CA HIS C 316 -11.82 5.61 5.98
C HIS C 316 -10.46 5.49 6.68
N GLY C 317 -10.41 5.72 8.01
CA GLY C 317 -9.20 5.62 8.80
C GLY C 317 -8.10 6.56 8.34
N LEU C 318 -8.49 7.76 7.89
CA LEU C 318 -7.50 8.70 7.39
C LEU C 318 -6.71 9.37 8.51
N PRO C 319 -5.36 9.42 8.38
CA PRO C 319 -4.54 10.14 9.37
C PRO C 319 -4.96 11.62 9.47
N GLY C 320 -4.58 12.24 10.57
CA GLY C 320 -4.92 13.64 10.83
C GLY C 320 -4.06 14.64 10.11
N TYR C 321 -4.38 15.93 10.31
CA TYR C 321 -3.77 17.09 9.70
C TYR C 321 -2.21 17.06 9.69
N ASN C 322 -1.58 16.91 10.87
CA ASN C 322 -0.10 16.91 10.96
C ASN C 322 0.58 15.76 10.20
N ALA C 323 -0.01 14.57 10.19
CA ALA C 323 0.52 13.43 9.44
C ALA C 323 0.51 13.73 7.93
N TRP C 324 -0.55 14.41 7.44
CA TRP C 324 -0.61 14.81 6.04
C TRP C 324 0.33 15.97 5.73
N ARG C 325 0.58 16.88 6.73
CA ARG C 325 1.53 18.01 6.62
C ARG C 325 2.93 17.42 6.48
N ARG C 326 3.27 16.45 7.33
CA ARG C 326 4.55 15.72 7.29
C ARG C 326 4.72 14.97 5.94
N PHE C 327 3.67 14.28 5.46
CA PHE C 327 3.73 13.57 4.18
C PHE C 327 4.11 14.53 3.05
N CYS C 328 3.50 15.71 3.05
CA CYS C 328 3.71 16.78 2.08
C CYS C 328 4.97 17.64 2.33
N GLY C 329 5.78 17.27 3.33
CA GLY C 329 6.99 17.99 3.69
C GLY C 329 6.76 19.42 4.18
N LEU C 330 5.59 19.64 4.79
CA LEU C 330 5.16 20.93 5.34
C LEU C 330 5.32 20.89 6.86
N PRO C 331 5.67 22.03 7.51
CA PRO C 331 5.86 22.02 8.96
C PRO C 331 4.62 21.58 9.72
N GLN C 332 4.82 20.85 10.84
CA GLN C 332 3.72 20.38 11.65
C GLN C 332 3.56 21.26 12.89
N PRO C 333 2.56 22.18 12.90
CA PRO C 333 2.32 22.98 14.12
C PRO C 333 1.91 22.07 15.29
N GLU C 334 2.34 22.42 16.51
CA GLU C 334 2.02 21.64 17.72
C GLU C 334 1.23 22.50 18.71
N THR C 335 1.63 23.79 18.82
CA THR C 335 1.05 24.78 19.71
C THR C 335 -0.03 25.57 18.99
N VAL C 336 -0.90 26.25 19.76
CA VAL C 336 -1.95 27.13 19.23
C VAL C 336 -1.28 28.36 18.51
N GLY C 337 -0.08 28.75 18.95
CA GLY C 337 0.68 29.85 18.37
C GLY C 337 1.23 29.47 17.00
N GLN C 338 1.75 28.23 16.87
CA GLN C 338 2.31 27.68 15.64
C GLN C 338 1.22 27.48 14.57
N LEU C 339 0.03 27.03 15.00
CA LEU C 339 -1.13 26.83 14.17
C LEU C 339 -1.62 28.19 13.72
N GLY C 340 -1.59 29.18 14.63
CA GLY C 340 -1.96 30.56 14.32
C GLY C 340 -1.14 31.12 13.17
N THR C 341 0.17 30.81 13.16
CA THR C 341 1.13 31.23 12.11
C THR C 341 0.87 30.49 10.79
N VAL C 342 0.65 29.15 10.84
CA VAL C 342 0.38 28.34 9.64
C VAL C 342 -0.86 28.83 8.92
N LEU C 343 -1.92 29.09 9.69
CA LEU C 343 -3.21 29.59 9.23
C LEU C 343 -3.26 31.09 9.01
N ARG C 344 -2.23 31.84 9.52
CA ARG C 344 -2.20 33.32 9.49
C ARG C 344 -3.54 33.81 10.11
N ASN C 345 -4.01 33.08 11.14
CA ASN C 345 -5.30 33.32 11.80
C ASN C 345 -5.29 32.65 13.18
N LEU C 346 -4.97 33.42 14.24
CA LEU C 346 -4.92 32.92 15.60
C LEU C 346 -6.32 32.58 16.17
N LYS C 347 -7.38 33.34 15.76
CA LYS C 347 -8.78 33.15 16.18
C LYS C 347 -9.27 31.75 15.73
N LEU C 348 -9.00 31.38 14.47
CA LEU C 348 -9.36 30.08 13.93
C LEU C 348 -8.53 28.97 14.56
N ALA C 349 -7.21 29.22 14.77
CA ALA C 349 -6.34 28.23 15.40
C ALA C 349 -6.86 27.87 16.80
N ARG C 350 -7.35 28.88 17.55
CA ARG C 350 -7.96 28.71 18.88
C ARG C 350 -9.22 27.84 18.84
N LYS C 351 -10.13 28.09 17.88
CA LYS C 351 -11.37 27.31 17.69
C LYS C 351 -11.04 25.85 17.35
N LEU C 352 -10.04 25.62 16.46
CA LEU C 352 -9.60 24.28 16.04
C LEU C 352 -9.01 23.51 17.21
N MET C 353 -8.30 24.22 18.09
CA MET C 353 -7.67 23.66 19.26
C MET C 353 -8.69 23.32 20.34
N GLU C 354 -9.74 24.15 20.48
CA GLU C 354 -10.87 23.96 21.40
C GLU C 354 -11.63 22.69 20.99
N GLN C 355 -11.84 22.52 19.67
CA GLN C 355 -12.54 21.37 19.11
C GLN C 355 -11.75 20.07 19.16
N TYR C 356 -10.49 20.10 18.71
CA TYR C 356 -9.71 18.88 18.58
C TYR C 356 -8.77 18.55 19.72
N GLY C 357 -8.29 19.57 20.46
CA GLY C 357 -7.35 19.44 21.57
C GLY C 357 -5.89 19.40 21.11
N THR C 358 -5.63 18.78 19.96
CA THR C 358 -4.31 18.71 19.36
C THR C 358 -4.42 18.91 17.84
N PRO C 359 -3.42 19.57 17.19
CA PRO C 359 -3.47 19.68 15.72
C PRO C 359 -3.28 18.35 15.00
N ASN C 360 -2.80 17.31 15.70
CA ASN C 360 -2.57 15.96 15.16
C ASN C 360 -3.88 15.33 14.73
N ASN C 361 -4.98 15.61 15.47
CA ASN C 361 -6.33 15.08 15.30
C ASN C 361 -7.26 15.87 14.38
N ILE C 362 -6.84 17.04 13.88
CA ILE C 362 -7.70 17.81 12.96
C ILE C 362 -7.99 16.95 11.72
N ASP C 363 -9.29 16.78 11.39
CA ASP C 363 -9.67 15.98 10.20
C ASP C 363 -9.12 16.65 8.95
N ILE C 364 -8.59 15.86 8.01
CA ILE C 364 -7.94 16.35 6.77
C ILE C 364 -8.78 17.42 6.00
N TRP C 365 -10.10 17.21 5.83
CA TRP C 365 -10.91 18.22 5.13
C TRP C 365 -10.95 19.50 5.94
N MET C 366 -11.18 19.40 7.26
CA MET C 366 -11.24 20.56 8.13
C MET C 366 -9.92 21.34 8.12
N GLY C 367 -8.81 20.66 8.38
CA GLY C 367 -7.49 21.31 8.32
C GLY C 367 -7.18 21.88 6.96
N GLY C 368 -7.43 21.08 5.93
CA GLY C 368 -7.19 21.48 4.53
C GLY C 368 -7.93 22.72 4.08
N VAL C 369 -9.23 22.82 4.39
CA VAL C 369 -10.02 24.01 3.94
C VAL C 369 -9.74 25.23 4.80
N SER C 370 -9.19 25.01 6.02
CA SER C 370 -8.88 26.08 6.96
C SER C 370 -7.69 26.94 6.55
N GLU C 371 -6.73 26.34 5.85
CA GLU C 371 -5.48 27.00 5.42
C GLU C 371 -5.69 28.24 4.51
N PRO C 372 -4.93 29.38 4.68
CA PRO C 372 -5.09 30.51 3.74
C PRO C 372 -4.83 30.04 2.31
N LEU C 373 -5.51 30.65 1.36
CA LEU C 373 -5.43 30.23 -0.03
C LEU C 373 -4.14 30.65 -0.70
N LYS C 374 -3.59 29.77 -1.58
CA LYS C 374 -2.37 30.10 -2.36
C LYS C 374 -2.70 31.26 -3.30
N ARG C 375 -1.71 32.09 -3.63
CA ARG C 375 -1.88 33.23 -4.54
C ARG C 375 -2.37 32.70 -5.89
N LYS C 376 -3.48 33.28 -6.41
CA LYS C 376 -4.18 32.93 -7.67
C LYS C 376 -4.68 31.47 -7.66
N GLY C 377 -4.79 30.89 -6.47
CA GLY C 377 -5.27 29.52 -6.24
C GLY C 377 -6.46 29.51 -5.30
N ARG C 378 -7.16 28.36 -5.18
CA ARG C 378 -8.33 28.27 -4.28
C ARG C 378 -8.18 27.19 -3.19
N VAL C 379 -6.93 26.81 -2.92
CA VAL C 379 -6.53 25.84 -1.88
C VAL C 379 -5.26 26.30 -1.20
N GLY C 380 -5.08 25.91 0.07
CA GLY C 380 -3.85 26.16 0.83
C GLY C 380 -2.75 25.17 0.46
N PRO C 381 -1.55 25.29 1.07
CA PRO C 381 -0.44 24.38 0.73
C PRO C 381 -0.69 22.87 0.78
N LEU C 382 -1.41 22.42 1.83
CA LEU C 382 -1.68 21.01 2.05
C LEU C 382 -2.60 20.41 1.00
N LEU C 383 -3.74 21.08 0.71
CA LEU C 383 -4.66 20.59 -0.33
C LEU C 383 -4.00 20.68 -1.70
N ALA C 384 -3.19 21.73 -1.94
CA ALA C 384 -2.43 21.85 -3.20
C ALA C 384 -1.46 20.70 -3.36
N CYS C 385 -0.82 20.23 -2.26
CA CYS C 385 0.08 19.07 -2.34
C CYS C 385 -0.71 17.81 -2.64
N ILE C 386 -1.84 17.56 -1.95
CA ILE C 386 -2.63 16.34 -2.17
C ILE C 386 -3.27 16.31 -3.59
N ILE C 387 -3.89 17.43 -4.02
CA ILE C 387 -4.55 17.54 -5.32
C ILE C 387 -3.54 17.47 -6.47
N GLY C 388 -2.48 18.29 -6.39
CA GLY C 388 -1.42 18.32 -7.40
C GLY C 388 -0.77 16.96 -7.58
N THR C 389 -0.41 16.26 -6.46
CA THR C 389 0.22 14.91 -6.53
C THR C 389 -0.67 13.91 -7.28
N GLN C 390 -1.99 13.90 -6.98
CA GLN C 390 -2.96 13.01 -7.60
C GLN C 390 -3.07 13.24 -9.09
N PHE C 391 -3.28 14.51 -9.50
CA PHE C 391 -3.42 14.85 -10.90
C PHE C 391 -2.13 14.61 -11.70
N ARG C 392 -0.95 14.73 -11.04
CA ARG C 392 0.31 14.42 -11.74
C ARG C 392 0.34 12.90 -12.05
N LYS C 393 -0.08 12.07 -11.07
CA LYS C 393 -0.14 10.61 -11.24
C LYS C 393 -1.15 10.17 -12.30
N LEU C 394 -2.31 10.82 -12.37
CA LEU C 394 -3.37 10.50 -13.35
C LEU C 394 -2.94 10.85 -14.77
N ARG C 395 -2.07 11.85 -14.90
CA ARG C 395 -1.54 12.27 -16.17
C ARG C 395 -0.36 11.38 -16.57
N ASP C 396 0.70 11.32 -15.73
CA ASP C 396 1.92 10.55 -16.03
C ASP C 396 1.71 9.04 -16.06
N GLY C 397 0.66 8.56 -15.39
CA GLY C 397 0.34 7.13 -15.34
C GLY C 397 -0.73 6.67 -16.31
N ASP C 398 -1.15 7.57 -17.21
CA ASP C 398 -2.18 7.24 -18.18
C ASP C 398 -1.57 6.93 -19.54
N ARG C 399 -1.71 5.65 -20.00
CA ARG C 399 -1.20 5.20 -21.30
C ARG C 399 -1.97 5.86 -22.44
N PHE C 400 -3.22 6.25 -22.17
CA PHE C 400 -4.09 6.89 -23.14
C PHE C 400 -4.19 8.40 -22.93
N TRP C 401 -3.20 9.02 -22.25
CA TRP C 401 -3.14 10.47 -22.08
C TRP C 401 -3.11 11.11 -23.50
N TRP C 402 -3.86 12.22 -23.72
CA TRP C 402 -4.02 12.82 -25.05
C TRP C 402 -2.71 13.25 -25.73
N GLU C 403 -1.66 13.56 -24.95
CA GLU C 403 -0.35 13.96 -25.46
C GLU C 403 0.63 12.78 -25.53
N ASN C 404 0.24 11.59 -25.06
CA ASN C 404 1.12 10.43 -25.13
C ASN C 404 1.34 10.03 -26.58
N GLU C 405 2.60 9.73 -26.97
CA GLU C 405 2.93 9.39 -28.35
C GLU C 405 2.12 8.17 -28.82
N GLY C 406 1.47 8.31 -29.98
CA GLY C 406 0.68 7.25 -30.59
C GLY C 406 -0.81 7.31 -30.34
N VAL C 407 -1.24 8.02 -29.28
CA VAL C 407 -2.65 8.18 -28.91
C VAL C 407 -3.34 8.98 -30.01
N PHE C 408 -2.87 10.19 -30.26
CA PHE C 408 -3.35 11.01 -31.35
C PHE C 408 -2.18 11.28 -32.30
N SER C 409 -2.47 11.69 -33.56
CA SER C 409 -1.44 12.12 -34.53
C SER C 409 -1.10 13.59 -34.17
N MET C 410 0.01 14.13 -34.71
CA MET C 410 0.40 15.52 -34.46
C MET C 410 -0.68 16.52 -34.92
N GLN C 411 -1.30 16.26 -36.09
CA GLN C 411 -2.37 17.08 -36.67
C GLN C 411 -3.65 17.04 -35.78
N GLN C 412 -3.90 15.89 -35.14
CA GLN C 412 -5.07 15.74 -34.25
C GLN C 412 -4.84 16.51 -32.96
N ARG C 413 -3.62 16.41 -32.37
CA ARG C 413 -3.25 17.13 -31.17
C ARG C 413 -3.35 18.64 -31.37
N GLN C 414 -2.89 19.13 -32.54
CA GLN C 414 -2.97 20.54 -32.93
C GLN C 414 -4.43 21.00 -33.01
N ALA C 415 -5.31 20.14 -33.52
CA ALA C 415 -6.74 20.43 -33.63
C ALA C 415 -7.38 20.47 -32.23
N LEU C 416 -7.02 19.50 -31.36
CA LEU C 416 -7.56 19.39 -29.99
C LEU C 416 -7.15 20.57 -29.10
N ALA C 417 -5.97 21.17 -29.34
CA ALA C 417 -5.49 22.31 -28.57
C ALA C 417 -6.38 23.58 -28.77
N GLN C 418 -7.32 23.53 -29.74
CA GLN C 418 -8.24 24.65 -30.02
C GLN C 418 -9.57 24.53 -29.25
N ILE C 419 -9.86 23.36 -28.64
CA ILE C 419 -11.11 23.16 -27.91
C ILE C 419 -11.17 24.03 -26.67
N SER C 420 -12.41 24.28 -26.17
CA SER C 420 -12.73 25.01 -24.95
C SER C 420 -14.15 24.66 -24.55
N LEU C 421 -14.48 24.76 -23.24
CA LEU C 421 -15.81 24.53 -22.68
C LEU C 421 -16.83 25.56 -23.25
N PRO C 422 -16.55 26.90 -23.36
CA PRO C 422 -17.52 27.79 -24.01
C PRO C 422 -17.89 27.34 -25.43
N ARG C 423 -16.93 26.78 -26.21
CA ARG C 423 -17.20 26.26 -27.56
C ARG C 423 -18.12 25.03 -27.55
N ILE C 424 -17.98 24.13 -26.55
CA ILE C 424 -18.85 22.95 -26.42
C ILE C 424 -20.27 23.42 -26.11
N ILE C 425 -20.41 24.47 -25.26
CA ILE C 425 -21.69 25.07 -24.91
C ILE C 425 -22.33 25.64 -26.20
N CYS C 426 -21.53 26.35 -27.04
CA CYS C 426 -21.97 26.93 -28.32
C CYS C 426 -22.52 25.90 -29.29
N ASP C 427 -21.88 24.73 -29.35
CA ASP C 427 -22.23 23.64 -30.28
C ASP C 427 -23.36 22.71 -29.85
N ASN C 428 -23.76 22.72 -28.57
CA ASN C 428 -24.74 21.75 -28.09
C ASN C 428 -25.96 22.32 -27.38
N THR C 429 -26.08 23.64 -27.38
CA THR C 429 -27.18 24.34 -26.72
C THR C 429 -27.68 25.47 -27.63
N GLY C 430 -28.77 26.12 -27.19
CA GLY C 430 -29.34 27.28 -27.87
C GLY C 430 -28.72 28.57 -27.37
N ILE C 431 -27.64 28.47 -26.55
CA ILE C 431 -26.85 29.60 -26.03
C ILE C 431 -25.92 30.11 -27.12
N THR C 432 -26.00 31.41 -27.46
CA THR C 432 -25.24 32.08 -28.54
C THR C 432 -24.21 33.09 -28.03
N THR C 433 -24.25 33.42 -26.73
CA THR C 433 -23.31 34.33 -26.05
C THR C 433 -22.72 33.53 -24.86
N VAL C 434 -21.39 33.40 -24.78
CA VAL C 434 -20.70 32.63 -23.74
C VAL C 434 -19.55 33.41 -23.12
N SER C 435 -19.03 32.90 -21.97
CA SER C 435 -17.87 33.46 -21.25
C SER C 435 -16.62 33.47 -22.12
N LYS C 436 -15.78 34.49 -21.93
CA LYS C 436 -14.47 34.60 -22.58
C LYS C 436 -13.58 33.63 -21.82
N ASN C 437 -12.51 33.15 -22.48
CA ASN C 437 -11.53 32.29 -21.81
C ASN C 437 -10.78 33.20 -20.80
N ASN C 438 -10.57 32.76 -19.54
CA ASN C 438 -10.89 31.47 -18.98
C ASN C 438 -12.33 31.47 -18.43
N ILE C 439 -13.17 30.48 -18.85
CA ILE C 439 -14.55 30.27 -18.40
C ILE C 439 -14.63 30.17 -16.84
N PHE C 440 -13.60 29.59 -16.19
CA PHE C 440 -13.57 29.41 -14.73
C PHE C 440 -13.25 30.69 -13.98
N MET C 441 -12.76 31.72 -14.67
CA MET C 441 -12.47 33.02 -14.10
C MET C 441 -13.59 34.00 -14.42
N SER C 442 -13.96 34.12 -15.71
CA SER C 442 -15.03 34.98 -16.26
C SER C 442 -16.34 34.71 -15.53
N ASN C 443 -17.05 35.78 -15.07
CA ASN C 443 -18.30 35.61 -14.31
C ASN C 443 -19.28 36.81 -14.35
N SER C 444 -18.95 37.86 -15.10
CA SER C 444 -19.78 39.06 -15.16
C SER C 444 -20.26 39.34 -16.56
N TYR C 445 -21.59 39.30 -16.74
CA TYR C 445 -22.24 39.60 -18.01
C TYR C 445 -22.62 41.09 -18.03
N PRO C 446 -22.33 41.85 -19.12
CA PRO C 446 -21.76 41.41 -20.41
C PRO C 446 -20.24 41.44 -20.53
N ARG C 447 -19.55 42.07 -19.56
CA ARG C 447 -18.10 42.31 -19.50
C ARG C 447 -17.20 41.15 -19.91
N ASP C 448 -17.42 39.95 -19.35
CA ASP C 448 -16.59 38.76 -19.61
C ASP C 448 -17.25 37.84 -20.63
N PHE C 449 -18.13 38.40 -21.48
CA PHE C 449 -18.88 37.60 -22.44
C PHE C 449 -18.64 37.99 -23.90
N VAL C 450 -18.78 37.00 -24.80
CA VAL C 450 -18.57 37.14 -26.24
C VAL C 450 -19.60 36.27 -26.95
N ASN C 451 -19.94 36.63 -28.20
CA ASN C 451 -20.86 35.78 -28.96
C ASN C 451 -20.11 34.57 -29.53
N CYS C 452 -20.78 33.43 -29.60
CA CYS C 452 -20.29 32.14 -30.09
C CYS C 452 -19.61 32.23 -31.46
N SER C 453 -20.06 33.17 -32.32
CA SER C 453 -19.52 33.39 -33.68
C SER C 453 -18.01 33.73 -33.70
N THR C 454 -17.47 34.27 -32.59
CA THR C 454 -16.04 34.62 -32.47
C THR C 454 -15.13 33.43 -32.14
N LEU C 455 -15.73 32.27 -31.80
CA LEU C 455 -14.95 31.09 -31.41
C LEU C 455 -14.86 30.04 -32.49
N PRO C 456 -13.64 29.57 -32.86
CA PRO C 456 -13.54 28.54 -33.92
C PRO C 456 -13.99 27.16 -33.42
N ALA C 457 -14.67 26.41 -34.29
CA ALA C 457 -15.13 25.06 -33.97
C ALA C 457 -13.96 24.08 -34.06
N LEU C 458 -14.11 22.85 -33.49
CA LEU C 458 -13.06 21.84 -33.59
C LEU C 458 -12.99 21.37 -35.06
N ASN C 459 -11.80 21.45 -35.65
CA ASN C 459 -11.59 21.00 -37.02
C ASN C 459 -11.34 19.50 -37.02
N LEU C 460 -12.28 18.70 -37.55
CA LEU C 460 -12.13 17.25 -37.61
C LEU C 460 -11.40 16.74 -38.87
N ALA C 461 -10.90 17.66 -39.75
CA ALA C 461 -10.16 17.30 -40.98
C ALA C 461 -9.09 16.17 -40.82
N SER C 462 -8.30 16.19 -39.72
CA SER C 462 -7.25 15.19 -39.45
C SER C 462 -7.78 13.81 -38.97
N TRP C 463 -9.10 13.68 -38.75
CA TRP C 463 -9.71 12.40 -38.39
C TRP C 463 -10.15 11.62 -39.66
N ARG C 464 -10.05 12.25 -40.85
CA ARG C 464 -10.40 11.61 -42.13
C ARG C 464 -9.38 10.50 -42.43
N GLU C 465 -9.90 9.30 -42.64
CA GLU C 465 -9.13 8.09 -42.92
C GLU C 465 -8.80 7.98 -44.40
N ASN D 2 -2.61 -32.46 -1.02
CA ASN D 2 -2.75 -32.30 -2.45
C ASN D 2 -1.38 -32.06 -3.10
N CYS D 3 -0.81 -30.89 -2.85
CA CYS D 3 0.44 -30.35 -3.40
C CYS D 3 1.69 -31.19 -3.13
N GLU D 4 1.73 -31.94 -2.05
CA GLU D 4 2.90 -32.73 -1.69
C GLU D 4 3.04 -34.04 -2.47
N THR D 5 1.92 -34.63 -2.90
CA THR D 5 1.93 -35.92 -3.60
C THR D 5 1.42 -35.86 -5.06
N SER D 6 0.79 -34.75 -5.46
CA SER D 6 0.23 -34.56 -6.79
C SER D 6 0.92 -33.45 -7.57
N CYS D 7 0.93 -33.58 -8.91
CA CYS D 7 1.54 -32.61 -9.83
C CYS D 7 0.47 -31.81 -10.60
N VAL D 8 -0.78 -31.97 -10.19
CA VAL D 8 -1.91 -31.26 -10.80
C VAL D 8 -1.87 -29.79 -10.34
N GLN D 9 -1.99 -28.85 -11.32
CA GLN D 9 -2.02 -27.43 -11.06
C GLN D 9 -3.43 -26.91 -10.79
N GLN D 10 -3.82 -26.97 -9.52
CA GLN D 10 -5.13 -26.55 -9.04
C GLN D 10 -4.89 -25.92 -7.65
N PRO D 11 -5.64 -24.87 -7.21
CA PRO D 11 -5.40 -24.29 -5.87
C PRO D 11 -5.45 -25.29 -4.71
N PRO D 12 -4.56 -25.20 -3.70
CA PRO D 12 -3.55 -24.15 -3.48
C PRO D 12 -2.19 -24.43 -4.10
N CYS D 13 -2.11 -25.40 -5.01
CA CYS D 13 -0.83 -25.81 -5.58
C CYS D 13 -0.40 -25.02 -6.81
N PHE D 14 0.92 -24.91 -7.02
CA PHE D 14 1.53 -24.24 -8.17
C PHE D 14 2.85 -24.99 -8.41
N PRO D 15 2.78 -26.29 -8.80
CA PRO D 15 4.02 -27.09 -8.88
C PRO D 15 5.00 -26.57 -9.90
N LEU D 16 6.30 -26.84 -9.67
CA LEU D 16 7.33 -26.41 -10.58
C LEU D 16 7.49 -27.51 -11.58
N LYS D 17 7.21 -27.16 -12.85
CA LYS D 17 7.33 -28.08 -13.98
C LYS D 17 8.80 -28.42 -14.21
N ILE D 18 9.06 -29.62 -14.73
CA ILE D 18 10.43 -30.09 -14.99
C ILE D 18 10.84 -29.88 -16.46
N PRO D 19 12.02 -29.27 -16.73
CA PRO D 19 12.47 -29.10 -18.13
C PRO D 19 12.99 -30.43 -18.74
N PRO D 20 13.08 -30.54 -20.09
CA PRO D 20 13.69 -31.77 -20.67
C PRO D 20 15.17 -31.81 -20.33
N ASN D 21 15.78 -33.00 -20.31
CA ASN D 21 17.21 -33.18 -19.98
C ASN D 21 17.61 -32.60 -18.63
N ASP D 22 16.74 -32.74 -17.60
CA ASP D 22 17.01 -32.28 -16.25
C ASP D 22 18.08 -33.22 -15.68
N PRO D 23 19.10 -32.70 -14.97
CA PRO D 23 20.16 -33.59 -14.47
C PRO D 23 19.74 -34.55 -13.33
N ARG D 24 18.52 -34.40 -12.78
CA ARG D 24 18.04 -35.27 -11.69
C ARG D 24 16.70 -35.93 -11.99
N ILE D 25 15.68 -35.11 -12.31
CA ILE D 25 14.31 -35.57 -12.56
C ILE D 25 14.10 -35.92 -14.06
N LYS D 26 14.23 -37.23 -14.36
CA LYS D 26 14.12 -37.80 -15.70
C LYS D 26 12.69 -37.83 -16.21
N ASN D 27 11.69 -37.96 -15.32
CA ASN D 27 10.30 -37.92 -15.73
C ASN D 27 9.73 -36.49 -15.68
N GLN D 28 9.47 -35.92 -16.87
CA GLN D 28 8.90 -34.57 -17.03
C GLN D 28 7.44 -34.47 -16.52
N ALA D 29 6.81 -35.63 -16.21
CA ALA D 29 5.46 -35.79 -15.67
C ALA D 29 5.46 -35.55 -14.15
N ASP D 30 6.66 -35.54 -13.55
CA ASP D 30 6.90 -35.29 -12.14
C ASP D 30 6.99 -33.76 -11.97
N CYS D 31 7.11 -33.30 -10.72
CA CYS D 31 7.17 -31.90 -10.35
C CYS D 31 7.89 -31.74 -9.03
N ILE D 32 8.20 -30.49 -8.67
CA ILE D 32 8.76 -30.16 -7.37
C ILE D 32 7.55 -29.57 -6.66
N PRO D 33 7.10 -30.17 -5.52
CA PRO D 33 5.88 -29.66 -4.84
C PRO D 33 5.99 -28.20 -4.43
N PHE D 34 4.87 -27.49 -4.51
CA PHE D 34 4.76 -26.08 -4.18
C PHE D 34 3.34 -25.74 -3.83
N PHE D 35 3.16 -25.18 -2.62
CA PHE D 35 1.88 -24.68 -2.13
C PHE D 35 2.00 -23.16 -2.21
N ARG D 36 0.98 -22.51 -2.77
CA ARG D 36 0.91 -21.06 -2.86
C ARG D 36 0.73 -20.53 -1.44
N SER D 37 1.34 -19.38 -1.17
CA SER D 37 1.21 -18.74 0.14
C SER D 37 -0.26 -18.35 0.34
N CSO D 38 -0.77 -18.47 1.59
CA CSO D 38 -2.14 -18.10 1.92
CB CSO D 38 -2.30 -18.16 3.45
SG CSO D 38 -2.23 -19.83 4.16
C CSO D 38 -2.44 -16.62 1.56
O CSO D 38 -1.65 -15.72 1.88
OD CSO D 38 -3.55 -20.29 3.61
N PRO D 39 -3.57 -16.31 0.90
CA PRO D 39 -3.88 -14.91 0.63
C PRO D 39 -4.44 -14.21 1.87
N ALA D 40 -4.23 -12.88 2.00
CA ALA D 40 -4.74 -12.05 3.09
C ALA D 40 -6.28 -11.99 3.04
N CYS D 41 -6.84 -11.98 1.81
CA CYS D 41 -8.29 -11.98 1.57
C CYS D 41 -8.71 -13.16 0.66
N PRO D 42 -8.88 -14.39 1.19
CA PRO D 42 -9.23 -15.53 0.32
C PRO D 42 -10.55 -15.40 -0.47
N GLY D 43 -10.47 -15.76 -1.76
CA GLY D 43 -11.57 -15.76 -2.71
C GLY D 43 -12.06 -14.41 -3.23
N SER D 44 -11.38 -13.32 -2.84
CA SER D 44 -11.78 -11.98 -3.24
C SER D 44 -11.62 -11.69 -4.73
N ASN D 45 -12.60 -10.97 -5.27
CA ASN D 45 -12.70 -10.50 -6.65
C ASN D 45 -12.40 -8.98 -6.69
N ILE D 46 -12.06 -8.40 -5.53
CA ILE D 46 -11.74 -6.97 -5.40
C ILE D 46 -10.24 -6.76 -5.11
N THR D 47 -9.69 -7.50 -4.15
CA THR D 47 -8.28 -7.30 -3.76
C THR D 47 -7.25 -7.80 -4.76
N ILE D 48 -6.04 -7.19 -4.74
CA ILE D 48 -4.88 -7.66 -5.50
C ILE D 48 -4.21 -8.54 -4.45
N ARG D 49 -4.10 -9.83 -4.75
CA ARG D 49 -3.59 -10.84 -3.84
C ARG D 49 -2.33 -10.40 -3.10
N ASN D 50 -2.41 -10.48 -1.78
CA ASN D 50 -1.28 -10.20 -0.92
C ASN D 50 -1.07 -11.35 0.04
N GLN D 51 0.15 -11.49 0.53
CA GLN D 51 0.51 -12.54 1.46
C GLN D 51 0.60 -11.99 2.89
N ILE D 52 0.62 -12.92 3.86
CA ILE D 52 0.62 -12.60 5.29
C ILE D 52 2.00 -12.82 5.93
N ASN D 53 2.33 -11.96 6.90
CA ASN D 53 3.50 -12.17 7.76
C ASN D 53 2.93 -12.71 9.09
N ALA D 54 3.24 -13.98 9.45
CA ALA D 54 2.77 -14.61 10.70
C ALA D 54 3.52 -14.12 11.96
N LEU D 55 4.65 -13.40 11.76
CA LEU D 55 5.55 -12.92 12.81
C LEU D 55 5.60 -11.41 13.01
N THR D 56 6.20 -10.95 14.15
CA THR D 56 6.37 -9.52 14.41
C THR D 56 7.53 -9.12 13.57
N SER D 57 7.36 -8.05 12.81
CA SER D 57 8.42 -7.55 11.92
C SER D 57 9.63 -7.05 12.72
N PHE D 58 9.39 -6.60 13.96
CA PHE D 58 10.37 -6.05 14.90
C PHE D 58 11.50 -7.00 15.21
N VAL D 59 12.71 -6.44 15.42
CA VAL D 59 13.88 -7.20 15.85
C VAL D 59 13.70 -7.25 17.38
N ASP D 60 12.86 -8.19 17.80
CA ASP D 60 12.46 -8.34 19.19
C ASP D 60 12.66 -9.75 19.71
N ALA D 61 13.44 -10.59 18.97
CA ALA D 61 13.68 -11.99 19.32
C ALA D 61 12.40 -12.82 19.40
N SER D 62 11.45 -12.50 18.48
CA SER D 62 10.20 -13.24 18.45
C SER D 62 10.41 -14.73 18.08
N MET D 63 11.58 -15.12 17.52
CA MET D 63 11.93 -16.54 17.25
C MET D 63 12.25 -17.30 18.57
N VAL D 64 12.49 -16.57 19.66
CA VAL D 64 12.72 -17.14 21.00
C VAL D 64 11.37 -17.16 21.78
N TYR D 65 10.63 -16.02 21.76
CA TYR D 65 9.43 -15.82 22.58
C TYR D 65 8.08 -16.13 21.96
N GLY D 66 8.00 -16.13 20.62
CA GLY D 66 6.75 -16.35 19.91
C GLY D 66 6.11 -15.04 19.48
N SER D 67 5.23 -15.09 18.46
CA SER D 67 4.50 -13.93 17.91
C SER D 67 2.98 -13.96 18.22
N GLU D 68 2.53 -14.95 19.02
CA GLU D 68 1.13 -15.12 19.41
C GLU D 68 1.08 -15.46 20.90
N GLU D 69 0.12 -14.89 21.63
CA GLU D 69 -0.06 -15.05 23.09
C GLU D 69 -0.16 -16.51 23.55
N PRO D 70 -0.98 -17.42 22.91
CA PRO D 70 -1.05 -18.82 23.38
C PRO D 70 0.31 -19.55 23.35
N LEU D 71 1.03 -19.43 22.23
CA LEU D 71 2.37 -20.00 22.05
C LEU D 71 3.36 -19.40 23.07
N ALA D 72 3.32 -18.08 23.26
CA ALA D 72 4.20 -17.38 24.18
C ALA D 72 4.04 -17.88 25.62
N ARG D 73 2.78 -18.18 26.01
CA ARG D 73 2.45 -18.74 27.33
C ARG D 73 3.06 -20.15 27.45
N ASN D 74 2.84 -21.02 26.44
CA ASN D 74 3.33 -22.40 26.39
C ASN D 74 4.86 -22.54 26.31
N LEU D 75 5.58 -21.47 25.89
CA LEU D 75 7.03 -21.48 25.81
C LEU D 75 7.67 -21.13 27.17
N ARG D 76 6.84 -20.70 28.12
CA ARG D 76 7.27 -20.28 29.45
C ARG D 76 7.12 -21.40 30.48
N ASN D 77 7.99 -21.37 31.50
CA ASN D 77 7.95 -22.27 32.64
C ASN D 77 6.98 -21.63 33.66
N MET D 78 5.75 -22.18 33.77
CA MET D 78 4.74 -21.66 34.70
C MET D 78 4.67 -22.46 36.02
N SER D 79 5.62 -23.39 36.22
CA SER D 79 5.72 -24.24 37.42
C SER D 79 6.40 -23.55 38.64
N ASN D 80 6.79 -22.27 38.49
CA ASN D 80 7.42 -21.43 39.52
C ASN D 80 7.28 -19.94 39.14
N GLN D 81 7.97 -19.04 39.88
CA GLN D 81 7.96 -17.57 39.68
C GLN D 81 9.37 -17.03 39.33
N LEU D 82 10.15 -17.84 38.61
CA LEU D 82 11.50 -17.47 38.21
C LEU D 82 11.54 -16.78 36.81
N GLY D 83 10.42 -16.76 36.09
CA GLY D 83 10.29 -16.12 34.77
C GLY D 83 11.19 -16.70 33.70
N LEU D 84 11.33 -18.03 33.73
CA LEU D 84 12.15 -18.81 32.82
C LEU D 84 11.30 -19.31 31.67
N LEU D 85 11.99 -19.65 30.57
CA LEU D 85 11.40 -20.31 29.41
C LEU D 85 11.48 -21.80 29.71
N ALA D 86 10.47 -22.58 29.31
CA ALA D 86 10.44 -24.02 29.50
C ALA D 86 11.60 -24.69 28.78
N VAL D 87 12.18 -25.71 29.40
CA VAL D 87 13.30 -26.46 28.82
C VAL D 87 12.88 -27.91 28.58
N ASN D 88 13.71 -28.66 27.83
CA ASN D 88 13.44 -30.08 27.53
C ASN D 88 13.39 -30.88 28.85
N GLN D 89 12.35 -31.70 29.00
CA GLN D 89 12.07 -32.50 30.20
C GLN D 89 12.59 -33.94 30.11
N ARG D 90 13.17 -34.33 28.97
CA ARG D 90 13.69 -35.68 28.72
C ARG D 90 15.19 -35.71 28.51
N PHE D 91 15.78 -34.60 28.01
CA PHE D 91 17.21 -34.54 27.70
C PHE D 91 17.86 -33.22 28.07
N GLN D 92 19.18 -33.29 28.28
CA GLN D 92 20.09 -32.18 28.58
C GLN D 92 21.35 -32.37 27.73
N ASP D 93 22.06 -31.27 27.48
CA ASP D 93 23.32 -31.24 26.70
C ASP D 93 24.43 -31.04 27.72
N ASN D 94 25.03 -32.15 28.20
CA ASN D 94 26.06 -32.15 29.26
C ASN D 94 25.59 -31.26 30.46
N GLY D 95 24.36 -31.54 30.93
CA GLY D 95 23.73 -30.83 32.02
C GLY D 95 23.16 -29.45 31.69
N ARG D 96 23.22 -29.04 30.41
CA ARG D 96 22.69 -27.74 29.97
C ARG D 96 21.38 -27.90 29.21
N ALA D 97 20.52 -26.88 29.31
CA ALA D 97 19.18 -26.84 28.71
C ALA D 97 19.09 -27.10 27.19
N LEU D 98 18.02 -27.80 26.77
CA LEU D 98 17.70 -27.99 25.36
C LEU D 98 16.29 -27.43 25.20
N LEU D 99 15.91 -27.09 23.97
CA LEU D 99 14.55 -26.62 23.70
C LEU D 99 13.58 -27.78 24.00
N PRO D 100 12.35 -27.51 24.52
CA PRO D 100 11.40 -28.63 24.71
C PRO D 100 10.98 -29.17 23.34
N PHE D 101 10.51 -30.43 23.28
CA PHE D 101 10.03 -31.02 22.03
C PHE D 101 8.65 -30.45 21.73
N ASP D 102 8.27 -30.47 20.45
CA ASP D 102 6.97 -30.05 19.97
C ASP D 102 6.16 -31.31 19.79
N ASN D 103 4.83 -31.16 19.63
CA ASN D 103 3.91 -32.26 19.40
C ASN D 103 3.23 -32.02 18.04
N LEU D 104 3.92 -32.40 16.95
CA LEU D 104 3.40 -32.24 15.59
C LEU D 104 2.68 -33.52 15.13
N HIS D 105 1.49 -33.37 14.46
CA HIS D 105 0.69 -34.49 13.91
C HIS D 105 1.57 -35.27 12.92
N ASP D 106 2.10 -34.58 11.90
CA ASP D 106 3.05 -35.13 10.94
C ASP D 106 4.37 -34.44 11.31
N ASP D 107 5.18 -35.12 12.16
CA ASP D 107 6.47 -34.61 12.63
C ASP D 107 7.57 -35.05 11.65
N PRO D 108 8.23 -34.09 10.98
CA PRO D 108 9.27 -34.46 9.98
C PRO D 108 10.62 -34.89 10.57
N CYS D 109 10.94 -34.40 11.77
CA CYS D 109 12.20 -34.72 12.47
C CYS D 109 12.32 -36.19 12.80
N LEU D 110 11.18 -36.86 13.01
CA LEU D 110 11.14 -38.30 13.30
C LEU D 110 11.56 -39.12 12.06
N LEU D 111 11.28 -38.58 10.86
CA LEU D 111 11.59 -39.21 9.57
C LEU D 111 13.08 -39.17 9.22
N THR D 112 13.89 -38.31 9.87
CA THR D 112 15.32 -38.18 9.60
C THR D 112 16.14 -39.35 10.16
N ASN D 113 15.60 -40.03 11.17
CA ASN D 113 16.15 -41.22 11.81
C ASN D 113 15.02 -41.91 12.55
N ARG D 114 14.45 -42.96 11.93
CA ARG D 114 13.32 -43.70 12.52
C ARG D 114 13.61 -44.23 13.91
N SER D 115 14.78 -44.88 14.08
CA SER D 115 15.27 -45.54 15.30
C SER D 115 15.45 -44.64 16.54
N ALA D 116 16.06 -43.45 16.37
CA ALA D 116 16.33 -42.50 17.45
C ALA D 116 15.05 -41.98 18.13
N ARG D 117 13.99 -41.76 17.33
CA ARG D 117 12.65 -41.27 17.73
C ARG D 117 12.69 -39.88 18.38
N ILE D 118 13.54 -38.96 17.86
CA ILE D 118 13.63 -37.60 18.40
C ILE D 118 12.72 -36.64 17.59
N PRO D 119 11.62 -36.12 18.20
CA PRO D 119 10.75 -35.19 17.46
C PRO D 119 11.35 -33.80 17.29
N CYS D 120 10.64 -32.92 16.56
CA CYS D 120 11.04 -31.52 16.34
C CYS D 120 10.98 -30.73 17.65
N PHE D 121 11.78 -29.67 17.75
CA PHE D 121 11.82 -28.81 18.92
C PHE D 121 10.73 -27.75 18.86
N LEU D 122 10.33 -27.23 20.03
CA LEU D 122 9.34 -26.18 20.13
C LEU D 122 10.04 -24.89 20.54
N ALA D 123 9.93 -23.85 19.71
CA ALA D 123 10.52 -22.54 19.95
C ALA D 123 9.52 -21.43 19.53
N GLY D 124 9.93 -20.16 19.58
CA GLY D 124 9.11 -19.01 19.18
C GLY D 124 8.64 -19.04 17.73
N ASP D 125 9.44 -19.62 16.84
CA ASP D 125 9.18 -19.77 15.41
C ASP D 125 9.19 -21.29 15.09
N THR D 126 8.38 -21.71 14.11
CA THR D 126 8.19 -23.11 13.72
C THR D 126 9.37 -23.78 12.97
N ARG D 127 10.37 -23.01 12.53
CA ARG D 127 11.46 -23.58 11.77
C ARG D 127 12.75 -23.88 12.60
N SER D 128 12.69 -23.84 13.96
CA SER D 128 13.89 -24.04 14.80
C SER D 128 14.70 -25.30 14.50
N SER D 129 14.05 -26.40 14.09
CA SER D 129 14.68 -27.68 13.78
C SER D 129 15.18 -27.83 12.31
N GLU D 130 14.89 -26.84 11.41
CA GLU D 130 15.25 -26.91 9.99
C GLU D 130 16.69 -27.41 9.76
N MET D 131 17.64 -26.89 10.53
CA MET D 131 19.04 -27.37 10.51
C MET D 131 19.62 -27.31 11.94
N PRO D 132 20.44 -28.31 12.38
CA PRO D 132 20.98 -28.30 13.77
C PRO D 132 21.80 -27.07 14.17
N GLU D 133 22.38 -26.37 13.18
CA GLU D 133 23.15 -25.14 13.34
C GLU D 133 22.17 -24.04 13.80
N LEU D 134 20.97 -24.03 13.21
CA LEU D 134 19.87 -23.13 13.56
C LEU D 134 19.32 -23.48 14.95
N THR D 135 19.11 -24.78 15.23
CA THR D 135 18.65 -25.27 16.54
C THR D 135 19.61 -24.83 17.65
N SER D 136 20.91 -24.83 17.35
CA SER D 136 21.97 -24.44 18.28
C SER D 136 21.89 -22.98 18.68
N MET D 137 21.56 -22.10 17.72
CA MET D 137 21.38 -20.67 17.94
C MET D 137 20.15 -20.39 18.82
N HIS D 138 19.06 -21.12 18.57
CA HIS D 138 17.80 -21.07 19.31
C HIS D 138 18.00 -21.54 20.75
N THR D 139 18.80 -22.62 20.94
CA THR D 139 19.14 -23.20 22.24
C THR D 139 19.99 -22.22 23.04
N LEU D 140 21.00 -21.60 22.39
CA LEU D 140 21.87 -20.59 22.98
C LEU D 140 21.07 -19.43 23.60
N LEU D 141 20.06 -18.93 22.85
CA LEU D 141 19.22 -17.82 23.28
C LEU D 141 18.23 -18.23 24.40
N LEU D 142 17.73 -19.48 24.37
CA LEU D 142 16.87 -20.05 25.41
C LEU D 142 17.63 -20.02 26.75
N ARG D 143 18.90 -20.43 26.73
CA ARG D 143 19.81 -20.45 27.89
C ARG D 143 20.15 -19.04 28.35
N GLU D 144 20.44 -18.10 27.41
CA GLU D 144 20.72 -16.71 27.76
C GLU D 144 19.56 -16.06 28.52
N HIS D 145 18.31 -16.26 28.06
CA HIS D 145 17.12 -15.71 28.75
C HIS D 145 17.11 -16.19 30.21
N ASN D 146 17.13 -17.52 30.40
CA ASN D 146 17.14 -18.19 31.69
C ASN D 146 18.29 -17.75 32.59
N ARG D 147 19.48 -17.49 32.01
CA ARG D 147 20.67 -17.00 32.73
C ARG D 147 20.45 -15.56 33.19
N LEU D 148 19.78 -14.73 32.35
CA LEU D 148 19.49 -13.35 32.70
C LEU D 148 18.45 -13.28 33.81
N ALA D 149 17.37 -14.08 33.71
CA ALA D 149 16.31 -14.21 34.69
C ALA D 149 16.83 -14.63 36.08
N THR D 150 17.84 -15.55 36.11
CA THR D 150 18.47 -16.04 37.34
C THR D 150 19.27 -14.94 38.03
N GLU D 151 20.08 -14.20 37.26
CA GLU D 151 20.89 -13.08 37.72
C GLU D 151 20.03 -11.89 38.10
N LEU D 152 18.89 -11.70 37.40
CA LEU D 152 17.98 -10.60 37.72
C LEU D 152 17.25 -10.86 39.04
N LYS D 153 16.97 -12.16 39.34
CA LYS D 153 16.29 -12.58 40.56
C LYS D 153 17.20 -12.33 41.78
N SER D 154 18.52 -12.57 41.63
CA SER D 154 19.52 -12.35 42.67
C SER D 154 19.69 -10.87 43.01
N LEU D 155 19.51 -10.02 42.01
CA LEU D 155 19.63 -8.57 42.10
C LEU D 155 18.36 -7.93 42.63
N ASN D 156 17.19 -8.45 42.20
CA ASN D 156 15.87 -7.95 42.60
C ASN D 156 15.01 -9.11 43.15
N PRO D 157 15.21 -9.48 44.44
CA PRO D 157 14.47 -10.62 45.02
C PRO D 157 12.95 -10.47 45.10
N ARG D 158 12.43 -9.22 45.15
CA ARG D 158 11.00 -8.93 45.25
C ARG D 158 10.24 -9.19 43.94
N TRP D 159 10.89 -8.94 42.77
CA TRP D 159 10.37 -9.13 41.40
C TRP D 159 9.71 -10.49 41.22
N ASP D 160 8.47 -10.50 40.71
CA ASP D 160 7.74 -11.74 40.46
C ASP D 160 8.16 -12.34 39.10
N GLY D 161 7.61 -13.51 38.77
CA GLY D 161 7.87 -14.25 37.55
C GLY D 161 7.69 -13.46 36.27
N GLU D 162 6.55 -12.74 36.17
CA GLU D 162 6.18 -11.90 35.03
C GLU D 162 7.23 -10.83 34.76
N ARG D 163 7.63 -10.10 35.82
CA ARG D 163 8.63 -9.03 35.79
C ARG D 163 10.00 -9.55 35.35
N LEU D 164 10.42 -10.72 35.89
CA LEU D 164 11.71 -11.34 35.58
C LEU D 164 11.73 -11.79 34.12
N TYR D 165 10.61 -12.39 33.63
CA TYR D 165 10.51 -12.86 32.24
C TYR D 165 10.58 -11.66 31.27
N GLN D 166 9.79 -10.60 31.56
CA GLN D 166 9.77 -9.38 30.75
C GLN D 166 11.13 -8.67 30.70
N GLU D 167 11.81 -8.54 31.86
CA GLU D 167 13.10 -7.87 31.91
C GLU D 167 14.21 -8.66 31.20
N ALA D 168 14.14 -10.00 31.24
CA ALA D 168 15.14 -10.84 30.57
C ALA D 168 14.90 -10.85 29.06
N ARG D 169 13.61 -10.83 28.65
CA ARG D 169 13.12 -10.78 27.26
C ARG D 169 13.60 -9.50 26.59
N LYS D 170 13.53 -8.37 27.35
CA LYS D 170 13.92 -7.02 26.91
C LYS D 170 15.42 -6.97 26.64
N ILE D 171 16.21 -7.62 27.51
CA ILE D 171 17.67 -7.67 27.32
C ILE D 171 17.99 -8.51 26.09
N VAL D 172 17.36 -9.72 25.95
CA VAL D 172 17.62 -10.63 24.83
C VAL D 172 17.33 -9.94 23.48
N GLY D 173 16.18 -9.27 23.37
CA GLY D 173 15.79 -8.49 22.19
C GLY D 173 16.85 -7.45 21.82
N ALA D 174 17.36 -6.71 22.83
CA ALA D 174 18.39 -5.68 22.66
C ALA D 174 19.69 -6.32 22.22
N MET D 175 20.01 -7.54 22.70
CA MET D 175 21.24 -8.25 22.27
C MET D 175 21.12 -8.67 20.80
N VAL D 176 19.93 -9.11 20.37
CA VAL D 176 19.68 -9.48 18.96
C VAL D 176 19.78 -8.21 18.08
N GLN D 177 19.29 -7.05 18.56
CA GLN D 177 19.37 -5.76 17.83
C GLN D 177 20.83 -5.29 17.73
N ILE D 178 21.60 -5.40 18.83
CA ILE D 178 23.00 -4.99 18.86
C ILE D 178 23.83 -5.84 17.89
N ILE D 179 23.82 -7.19 18.03
CA ILE D 179 24.59 -8.06 17.13
C ILE D 179 24.22 -7.83 15.63
N THR D 180 22.92 -7.67 15.33
CA THR D 180 22.43 -7.44 13.96
C THR D 180 22.98 -6.15 13.35
N TYR D 181 22.78 -5.02 14.03
CA TYR D 181 23.16 -3.70 13.48
C TYR D 181 24.63 -3.34 13.68
N ARG D 182 25.26 -3.72 14.79
CA ARG D 182 26.66 -3.38 15.02
C ARG D 182 27.60 -4.33 14.29
N ASP D 183 27.32 -5.66 14.31
CA ASP D 183 28.22 -6.67 13.77
C ASP D 183 27.81 -7.31 12.43
N TYR D 184 26.51 -7.64 12.27
CA TYR D 184 26.01 -8.37 11.11
C TYR D 184 25.82 -7.52 9.85
N LEU D 185 24.93 -6.51 9.89
CA LEU D 185 24.54 -5.65 8.78
C LEU D 185 25.68 -4.92 8.08
N PRO D 186 26.75 -4.35 8.74
CA PRO D 186 27.82 -3.72 7.96
C PRO D 186 28.55 -4.69 7.03
N LEU D 187 28.65 -5.98 7.41
CA LEU D 187 29.34 -7.06 6.65
C LEU D 187 28.45 -7.64 5.54
N VAL D 188 27.15 -7.36 5.62
CA VAL D 188 26.20 -7.70 4.58
C VAL D 188 26.27 -6.62 3.48
N LEU D 189 26.09 -5.35 3.89
CA LEU D 189 25.99 -4.21 2.99
C LEU D 189 27.30 -3.63 2.47
N GLY D 190 28.35 -3.69 3.29
CA GLY D 190 29.64 -3.05 2.97
C GLY D 190 29.57 -1.61 3.44
N PRO D 191 30.69 -0.88 3.63
CA PRO D 191 30.60 0.47 4.21
C PRO D 191 29.79 1.52 3.44
N THR D 192 29.82 1.49 2.10
CA THR D 192 29.14 2.51 1.28
C THR D 192 27.62 2.44 1.41
N ALA D 193 27.01 1.26 1.25
CA ALA D 193 25.57 1.04 1.37
C ALA D 193 25.11 1.18 2.86
N MET D 194 26.00 0.85 3.81
CA MET D 194 25.76 0.98 5.25
C MET D 194 25.53 2.47 5.60
N ARG D 195 26.38 3.37 5.05
CA ARG D 195 26.29 4.81 5.27
C ARG D 195 25.06 5.40 4.60
N LYS D 196 24.75 4.94 3.37
CA LYS D 196 23.61 5.40 2.58
C LYS D 196 22.23 5.02 3.18
N TYR D 197 22.01 3.72 3.45
CA TYR D 197 20.71 3.21 3.91
C TYR D 197 20.54 3.15 5.41
N LEU D 198 21.61 2.99 6.17
CA LEU D 198 21.53 2.95 7.63
C LEU D 198 22.33 4.09 8.26
N PRO D 199 21.89 5.37 8.14
CA PRO D 199 22.65 6.44 8.79
C PRO D 199 22.46 6.38 10.31
N THR D 200 23.35 7.07 11.05
CA THR D 200 23.36 7.10 12.51
C THR D 200 21.93 7.30 13.04
N TYR D 201 21.50 6.39 13.94
CA TYR D 201 20.17 6.45 14.56
C TYR D 201 19.99 7.80 15.28
N ARG D 202 18.84 8.46 15.10
CA ARG D 202 18.58 9.74 15.78
C ARG D 202 17.62 9.47 16.94
N SER D 203 16.41 8.99 16.63
CA SER D 203 15.36 8.63 17.60
C SER D 203 14.19 7.98 16.89
N TYR D 204 13.22 7.52 17.68
CA TYR D 204 12.01 6.92 17.19
C TYR D 204 11.18 7.92 16.40
N ASN D 205 10.74 7.48 15.23
CA ASN D 205 9.89 8.25 14.34
C ASN D 205 8.65 7.39 14.08
N ASP D 206 7.51 7.81 14.66
CA ASP D 206 6.22 7.09 14.59
C ASP D 206 5.55 7.17 13.19
N SER D 207 6.20 7.83 12.23
CA SER D 207 5.73 7.95 10.86
C SER D 207 6.49 7.01 9.93
N VAL D 208 7.45 6.23 10.47
CA VAL D 208 8.20 5.27 9.68
C VAL D 208 7.44 3.94 9.76
N ASP D 209 6.98 3.43 8.59
CA ASP D 209 6.22 2.18 8.50
C ASP D 209 7.19 1.00 8.80
N PRO D 210 6.99 0.25 9.93
CA PRO D 210 7.94 -0.82 10.28
C PRO D 210 7.62 -2.19 9.72
N ARG D 211 6.59 -2.30 8.85
CA ARG D 211 6.19 -3.58 8.25
C ARG D 211 7.26 -4.19 7.33
N ILE D 212 7.25 -5.54 7.22
CA ILE D 212 8.16 -6.22 6.29
C ILE D 212 7.53 -6.01 4.91
N ALA D 213 8.32 -5.56 3.91
CA ALA D 213 7.82 -5.45 2.55
C ALA D 213 7.79 -6.84 1.97
N ASN D 214 6.78 -7.12 1.12
CA ASN D 214 6.66 -8.42 0.46
C ASN D 214 7.99 -8.80 -0.26
N VAL D 215 8.61 -7.84 -1.01
CA VAL D 215 9.89 -8.07 -1.70
C VAL D 215 11.00 -8.58 -0.76
N PHE D 216 11.04 -8.09 0.49
CA PHE D 216 12.08 -8.46 1.45
C PHE D 216 12.11 -9.96 1.76
N THR D 217 10.93 -10.61 1.84
CA THR D 217 10.86 -12.07 2.10
C THR D 217 11.65 -12.89 1.08
N ASN D 218 11.79 -12.34 -0.13
CA ASN D 218 12.50 -12.97 -1.22
C ASN D 218 13.94 -12.43 -1.33
N ALA D 219 14.14 -11.07 -1.24
CA ALA D 219 15.48 -10.50 -1.34
C ALA D 219 16.45 -11.03 -0.28
N PHE D 220 15.98 -11.16 0.99
CA PHE D 220 16.80 -11.59 2.12
C PHE D 220 17.23 -13.08 2.03
N ARG D 221 16.66 -13.84 1.07
CA ARG D 221 17.03 -15.22 0.77
C ARG D 221 18.39 -15.25 0.04
N TYR D 222 19.06 -14.07 -0.07
CA TYR D 222 20.40 -13.93 -0.64
C TYR D 222 21.35 -14.87 0.16
N GLY D 223 21.03 -15.08 1.44
CA GLY D 223 21.78 -15.93 2.37
C GLY D 223 21.93 -17.38 1.94
N HIS D 224 21.03 -17.88 1.06
CA HIS D 224 21.10 -19.25 0.52
C HIS D 224 22.39 -19.42 -0.30
N THR D 225 22.97 -18.30 -0.82
CA THR D 225 24.24 -18.34 -1.54
C THR D 225 25.43 -18.55 -0.57
N LEU D 226 25.22 -18.41 0.75
CA LEU D 226 26.29 -18.54 1.77
C LEU D 226 26.41 -19.96 2.33
N ILE D 227 25.45 -20.81 2.02
CA ILE D 227 25.33 -22.16 2.54
C ILE D 227 26.43 -23.11 2.04
N GLN D 228 27.14 -23.71 2.99
CA GLN D 228 28.19 -24.72 2.76
C GLN D 228 27.49 -26.10 2.63
N PRO D 229 27.99 -27.06 1.80
CA PRO D 229 27.26 -28.33 1.62
C PRO D 229 27.34 -29.32 2.79
N PHE D 230 28.03 -28.95 3.87
CA PHE D 230 28.16 -29.79 5.07
C PHE D 230 27.83 -29.07 6.35
N MET D 231 27.55 -29.84 7.40
CA MET D 231 27.46 -29.35 8.77
C MET D 231 28.83 -29.79 9.36
N PHE D 232 29.56 -28.84 9.95
CA PHE D 232 30.91 -29.07 10.49
C PHE D 232 30.89 -29.08 12.00
N ARG D 233 31.34 -30.19 12.60
CA ARG D 233 31.40 -30.34 14.06
C ARG D 233 32.83 -30.46 14.56
N LEU D 234 33.19 -29.63 15.56
CA LEU D 234 34.53 -29.60 16.12
C LEU D 234 34.58 -29.82 17.65
N ASP D 235 35.66 -30.50 18.13
CA ASP D 235 35.88 -30.78 19.56
C ASP D 235 36.54 -29.60 20.28
N ASN D 236 36.92 -29.76 21.57
CA ASN D 236 37.52 -28.69 22.37
C ASN D 236 38.92 -28.20 21.88
N ARG D 237 39.50 -28.88 20.87
CA ARG D 237 40.77 -28.47 20.26
C ARG D 237 40.50 -27.85 18.89
N TYR D 238 39.18 -27.68 18.53
CA TYR D 238 38.69 -27.16 17.23
C TYR D 238 39.14 -28.07 16.07
N GLN D 239 39.23 -29.39 16.35
CA GLN D 239 39.64 -30.41 15.40
C GLN D 239 38.41 -31.23 15.01
N PRO D 240 38.39 -31.87 13.80
CA PRO D 240 37.20 -32.63 13.39
C PRO D 240 36.72 -33.62 14.47
N MET D 241 35.45 -33.51 14.88
CA MET D 241 34.89 -34.40 15.90
C MET D 241 34.38 -35.70 15.25
N GLU D 242 35.20 -36.77 15.36
CA GLU D 242 34.96 -38.09 14.79
C GLU D 242 33.76 -38.81 15.44
N PRO D 243 33.06 -39.73 14.72
CA PRO D 243 33.34 -40.22 13.35
C PRO D 243 32.65 -39.46 12.22
N ASN D 244 31.89 -38.38 12.53
CA ASN D 244 31.16 -37.61 11.51
C ASN D 244 31.47 -36.08 11.51
N PRO D 245 32.72 -35.66 11.15
CA PRO D 245 33.03 -34.22 11.12
C PRO D 245 32.28 -33.39 10.06
N ARG D 246 32.17 -33.89 8.81
CA ARG D 246 31.49 -33.20 7.70
C ARG D 246 30.28 -34.00 7.25
N VAL D 247 29.14 -33.76 7.88
CA VAL D 247 27.90 -34.45 7.54
C VAL D 247 27.25 -33.68 6.40
N PRO D 248 26.90 -34.36 5.27
CA PRO D 248 26.23 -33.65 4.17
C PRO D 248 24.94 -32.96 4.65
N LEU D 249 24.69 -31.72 4.22
CA LEU D 249 23.47 -30.96 4.60
C LEU D 249 22.13 -31.71 4.38
N SER D 250 22.02 -32.46 3.26
CA SER D 250 20.82 -33.27 2.99
C SER D 250 20.54 -34.38 4.02
N ARG D 251 21.45 -34.60 4.99
CA ARG D 251 21.28 -35.58 6.05
C ARG D 251 21.13 -34.88 7.44
N VAL D 252 21.07 -33.51 7.44
CA VAL D 252 20.93 -32.72 8.67
C VAL D 252 19.60 -31.93 8.70
N PHE D 253 18.89 -31.82 7.56
CA PHE D 253 17.63 -31.09 7.50
C PHE D 253 16.61 -31.75 8.45
N PHE D 254 16.11 -30.99 9.44
CA PHE D 254 15.17 -31.45 10.48
C PHE D 254 15.76 -32.61 11.31
N ALA D 255 17.11 -32.69 11.42
CA ALA D 255 17.79 -33.76 12.18
C ALA D 255 18.03 -33.38 13.64
N SER D 256 16.95 -33.12 14.36
CA SER D 256 16.93 -32.77 15.79
C SER D 256 17.63 -33.85 16.65
N TRP D 257 17.73 -35.09 16.13
CA TRP D 257 18.37 -36.24 16.78
C TRP D 257 19.88 -36.03 16.93
N ARG D 258 20.52 -35.32 15.97
CA ARG D 258 21.95 -35.01 16.00
C ARG D 258 22.28 -34.05 17.15
N VAL D 259 21.37 -33.11 17.44
CA VAL D 259 21.56 -32.19 18.57
C VAL D 259 21.52 -33.01 19.88
N VAL D 260 20.52 -33.90 20.02
CA VAL D 260 20.27 -34.71 21.22
C VAL D 260 21.31 -35.85 21.45
N LEU D 261 21.52 -36.72 20.45
CA LEU D 261 22.37 -37.90 20.59
C LEU D 261 23.79 -37.82 20.06
N GLU D 262 24.18 -36.73 19.38
CA GLU D 262 25.52 -36.64 18.78
C GLU D 262 26.39 -35.47 19.27
N GLY D 263 26.34 -35.19 20.55
CA GLY D 263 27.23 -34.22 21.17
C GLY D 263 26.75 -32.84 21.56
N GLY D 264 25.44 -32.59 21.44
CA GLY D 264 24.87 -31.30 21.80
C GLY D 264 25.17 -30.16 20.85
N ILE D 265 25.13 -28.91 21.37
CA ILE D 265 25.31 -27.69 20.55
C ILE D 265 26.77 -27.14 20.53
N ASP D 266 27.66 -27.59 21.45
CA ASP D 266 29.06 -27.13 21.46
C ASP D 266 29.84 -27.47 20.17
N PRO D 267 29.78 -28.71 19.62
CA PRO D 267 30.54 -29.01 18.39
C PRO D 267 30.03 -28.23 17.18
N ILE D 268 28.70 -27.98 17.15
CA ILE D 268 28.01 -27.22 16.10
C ILE D 268 28.42 -25.75 16.15
N LEU D 269 28.40 -25.10 17.34
CA LEU D 269 28.81 -23.69 17.47
C LEU D 269 30.27 -23.47 17.07
N ARG D 270 31.17 -24.40 17.48
CA ARG D 270 32.60 -24.34 17.11
C ARG D 270 32.75 -24.46 15.57
N GLY D 271 32.03 -25.39 14.95
CA GLY D 271 32.02 -25.56 13.51
C GLY D 271 31.60 -24.30 12.78
N LEU D 272 30.58 -23.59 13.28
CA LEU D 272 30.08 -22.32 12.73
C LEU D 272 31.13 -21.22 12.82
N MET D 273 31.82 -21.14 13.97
CA MET D 273 32.84 -20.14 14.24
C MET D 273 34.15 -20.36 13.47
N ALA D 274 34.61 -21.62 13.36
CA ALA D 274 35.91 -21.97 12.77
C ALA D 274 35.88 -22.42 11.29
N THR D 275 34.70 -22.45 10.65
CA THR D 275 34.60 -22.80 9.23
C THR D 275 34.16 -21.58 8.42
N PRO D 276 34.79 -21.31 7.25
CA PRO D 276 34.34 -20.19 6.43
C PRO D 276 32.92 -20.41 5.86
N ALA D 277 32.25 -19.29 5.54
CA ALA D 277 30.98 -19.32 4.84
C ALA D 277 31.33 -19.69 3.39
N LYS D 278 30.34 -20.04 2.58
CA LYS D 278 30.58 -20.23 1.16
C LYS D 278 30.50 -18.80 0.59
N LEU D 279 31.38 -18.48 -0.41
CA LEU D 279 31.41 -17.20 -1.09
C LEU D 279 30.49 -17.26 -2.31
N ASN D 280 29.64 -16.24 -2.47
CA ASN D 280 28.78 -16.17 -3.64
C ASN D 280 29.59 -15.67 -4.84
N ARG D 281 29.63 -16.48 -5.91
CA ARG D 281 30.31 -16.12 -7.16
C ARG D 281 29.30 -16.23 -8.27
N GLN D 282 29.46 -15.46 -9.36
CA GLN D 282 28.52 -15.46 -10.47
C GLN D 282 28.35 -16.80 -11.18
N ASN D 283 29.33 -17.73 -11.07
CA ASN D 283 29.23 -19.08 -11.65
C ASN D 283 29.29 -20.14 -10.51
N GLN D 284 29.10 -19.68 -9.23
CA GLN D 284 29.08 -20.51 -8.02
C GLN D 284 28.01 -20.00 -7.05
N ILE D 285 26.77 -19.87 -7.53
CA ILE D 285 25.66 -19.24 -6.78
C ILE D 285 25.17 -20.10 -5.57
N ALA D 286 24.69 -21.34 -5.78
CA ALA D 286 24.19 -22.16 -4.68
C ALA D 286 24.49 -23.62 -4.88
N VAL D 287 24.77 -24.32 -3.77
CA VAL D 287 25.18 -25.73 -3.78
C VAL D 287 24.04 -26.72 -4.07
N ASP D 288 24.40 -27.88 -4.66
CA ASP D 288 23.43 -28.93 -4.95
C ASP D 288 22.82 -29.57 -3.70
N GLU D 289 23.43 -29.40 -2.50
CA GLU D 289 22.83 -29.91 -1.25
C GLU D 289 21.45 -29.26 -0.96
N ILE D 290 21.22 -28.02 -1.47
CA ILE D 290 19.96 -27.26 -1.35
C ILE D 290 19.25 -27.16 -2.71
N ARG D 291 20.01 -27.23 -3.84
CA ARG D 291 19.52 -27.17 -5.22
C ARG D 291 18.95 -28.50 -5.72
N GLU D 292 19.47 -29.64 -5.22
CA GLU D 292 19.05 -30.99 -5.65
C GLU D 292 18.48 -31.83 -4.56
N ARG D 293 18.96 -31.69 -3.31
CA ARG D 293 18.61 -32.61 -2.22
C ARG D 293 17.97 -31.96 -0.97
N LEU D 294 17.31 -30.78 -1.12
CA LEU D 294 16.67 -30.09 0.01
C LEU D 294 15.52 -30.93 0.52
N PHE D 295 15.57 -31.30 1.80
CA PHE D 295 14.57 -32.07 2.55
C PHE D 295 14.33 -33.49 1.97
N GLU D 296 15.30 -33.99 1.14
CA GLU D 296 15.35 -35.33 0.52
C GLU D 296 14.87 -36.46 1.49
N GLN D 297 15.32 -36.39 2.76
CA GLN D 297 14.97 -37.36 3.83
C GLN D 297 13.55 -37.26 4.38
N VAL D 298 12.86 -36.10 4.19
CA VAL D 298 11.54 -35.86 4.81
C VAL D 298 10.38 -35.64 3.81
N MET D 299 10.59 -35.92 2.52
CA MET D 299 9.53 -35.87 1.50
C MET D 299 9.82 -36.81 0.34
N ARG D 300 8.81 -37.05 -0.50
CA ARG D 300 8.87 -37.95 -1.68
C ARG D 300 10.06 -37.67 -2.63
N ILE D 301 10.43 -36.37 -2.79
CA ILE D 301 11.49 -35.90 -3.69
C ILE D 301 12.30 -34.74 -3.05
N GLY D 302 13.54 -34.58 -3.51
CA GLY D 302 14.43 -33.51 -3.07
C GLY D 302 14.01 -32.21 -3.72
N LEU D 303 13.98 -31.14 -2.95
CA LEU D 303 13.58 -29.82 -3.48
C LEU D 303 14.77 -29.03 -4.03
N ASP D 304 14.44 -27.94 -4.75
CA ASP D 304 15.43 -27.02 -5.31
C ASP D 304 15.12 -25.66 -4.70
N LEU D 305 15.85 -25.29 -3.61
CA LEU D 305 15.72 -24.00 -2.89
C LEU D 305 15.80 -22.77 -3.85
N PRO D 306 16.88 -22.57 -4.66
CA PRO D 306 16.87 -21.46 -5.64
C PRO D 306 15.65 -21.39 -6.55
N ALA D 307 15.21 -22.54 -7.11
CA ALA D 307 14.02 -22.60 -7.97
C ALA D 307 12.74 -22.28 -7.17
N LEU D 308 12.66 -22.75 -5.89
CA LEU D 308 11.51 -22.44 -5.02
C LEU D 308 11.42 -20.92 -4.80
N ASN D 309 12.59 -20.24 -4.63
CA ASN D 309 12.69 -18.80 -4.42
C ASN D 309 12.05 -18.02 -5.57
N MET D 310 12.33 -18.46 -6.83
CA MET D 310 11.84 -17.86 -8.06
C MET D 310 10.37 -18.10 -8.24
N GLN D 311 9.93 -19.33 -7.97
CA GLN D 311 8.51 -19.68 -8.01
C GLN D 311 7.73 -18.84 -6.98
N ARG D 312 8.32 -18.65 -5.73
CA ARG D 312 7.77 -17.89 -4.62
C ARG D 312 7.56 -16.41 -4.98
N SER D 313 8.54 -15.81 -5.66
CA SER D 313 8.43 -14.41 -6.08
C SER D 313 7.28 -14.21 -7.06
N ARG D 314 6.99 -15.25 -7.91
CA ARG D 314 5.87 -15.25 -8.87
C ARG D 314 4.56 -15.45 -8.13
N ASP D 315 4.56 -16.41 -7.18
CA ASP D 315 3.42 -16.69 -6.30
C ASP D 315 2.97 -15.37 -5.62
N HIS D 316 3.94 -14.57 -5.17
CA HIS D 316 3.75 -13.30 -4.47
C HIS D 316 3.54 -12.10 -5.39
N GLY D 317 3.50 -12.31 -6.71
CA GLY D 317 3.32 -11.26 -7.70
C GLY D 317 4.37 -10.18 -7.63
N LEU D 318 5.60 -10.58 -7.37
CA LEU D 318 6.66 -9.61 -7.27
C LEU D 318 7.13 -9.10 -8.62
N PRO D 319 7.28 -7.75 -8.77
CA PRO D 319 7.80 -7.21 -10.04
C PRO D 319 9.20 -7.77 -10.34
N GLY D 320 9.62 -7.66 -11.59
CA GLY D 320 10.91 -8.13 -12.03
C GLY D 320 12.08 -7.22 -11.69
N TYR D 321 13.28 -7.69 -12.04
CA TYR D 321 14.56 -7.06 -11.78
C TYR D 321 14.62 -5.55 -12.08
N ASN D 322 14.27 -5.13 -13.31
CA ASN D 322 14.33 -3.71 -13.70
C ASN D 322 13.37 -2.81 -12.91
N ALA D 323 12.17 -3.29 -12.57
CA ALA D 323 11.22 -2.53 -11.75
C ALA D 323 11.81 -2.26 -10.33
N TRP D 324 12.53 -3.27 -9.78
CA TRP D 324 13.21 -3.10 -8.48
C TRP D 324 14.45 -2.23 -8.59
N ARG D 325 15.16 -2.23 -9.76
CA ARG D 325 16.31 -1.38 -10.05
C ARG D 325 15.82 0.07 -10.11
N ARG D 326 14.71 0.31 -10.80
CA ARG D 326 14.07 1.63 -10.91
C ARG D 326 13.61 2.13 -9.52
N PHE D 327 13.01 1.24 -8.70
CA PHE D 327 12.57 1.61 -7.35
C PHE D 327 13.74 2.12 -6.52
N CYS D 328 14.87 1.42 -6.62
CA CYS D 328 16.12 1.74 -5.93
C CYS D 328 16.96 2.85 -6.60
N GLY D 329 16.43 3.46 -7.66
CA GLY D 329 17.12 4.53 -8.39
C GLY D 329 18.39 4.10 -9.11
N LEU D 330 18.45 2.82 -9.48
CA LEU D 330 19.56 2.18 -10.15
C LEU D 330 19.25 2.06 -11.64
N PRO D 331 20.26 2.19 -12.55
CA PRO D 331 19.97 2.08 -13.99
C PRO D 331 19.33 0.74 -14.38
N GLN D 332 18.44 0.78 -15.34
CA GLN D 332 17.76 -0.43 -15.81
C GLN D 332 18.34 -0.86 -17.17
N PRO D 333 19.15 -1.96 -17.18
CA PRO D 333 19.68 -2.46 -18.46
C PRO D 333 18.60 -3.11 -19.32
N GLU D 334 18.62 -2.82 -20.64
CA GLU D 334 17.61 -3.32 -21.57
C GLU D 334 18.20 -4.34 -22.54
N THR D 335 19.48 -4.18 -22.89
CA THR D 335 20.14 -5.07 -23.84
C THR D 335 21.05 -6.00 -23.10
N VAL D 336 21.48 -7.11 -23.74
CA VAL D 336 22.41 -8.06 -23.12
C VAL D 336 23.75 -7.34 -22.80
N GLY D 337 24.19 -6.41 -23.67
CA GLY D 337 25.39 -5.60 -23.45
C GLY D 337 25.27 -4.72 -22.20
N GLN D 338 24.14 -4.02 -22.06
CA GLN D 338 23.89 -3.17 -20.88
C GLN D 338 23.79 -4.02 -19.62
N LEU D 339 23.17 -5.24 -19.74
CA LEU D 339 23.09 -6.18 -18.62
C LEU D 339 24.50 -6.66 -18.24
N GLY D 340 25.33 -6.96 -19.24
CA GLY D 340 26.73 -7.36 -19.06
C GLY D 340 27.57 -6.33 -18.33
N THR D 341 27.32 -5.04 -18.59
CA THR D 341 27.99 -3.90 -17.94
C THR D 341 27.60 -3.84 -16.48
N VAL D 342 26.28 -3.88 -16.19
CA VAL D 342 25.69 -3.86 -14.84
C VAL D 342 26.23 -5.03 -13.99
N LEU D 343 26.26 -6.23 -14.59
CA LEU D 343 26.77 -7.43 -13.91
C LEU D 343 28.31 -7.54 -13.91
N ARG D 344 29.04 -6.77 -14.78
CA ARG D 344 30.52 -6.87 -14.96
C ARG D 344 30.80 -8.33 -15.42
N ASN D 345 29.83 -8.94 -16.14
CA ASN D 345 29.86 -10.33 -16.58
C ASN D 345 28.92 -10.54 -17.76
N LEU D 346 29.46 -10.46 -18.99
CA LEU D 346 28.68 -10.65 -20.21
C LEU D 346 28.23 -12.12 -20.41
N LYS D 347 29.02 -13.13 -19.94
CA LYS D 347 28.70 -14.56 -20.03
C LYS D 347 27.40 -14.85 -19.24
N LEU D 348 27.30 -14.31 -18.01
CA LEU D 348 26.11 -14.46 -17.17
C LEU D 348 24.93 -13.68 -17.75
N ALA D 349 25.12 -12.43 -18.23
CA ALA D 349 24.03 -11.65 -18.86
C ALA D 349 23.45 -12.42 -20.05
N ARG D 350 24.31 -13.13 -20.83
CA ARG D 350 23.87 -13.97 -21.96
C ARG D 350 22.98 -15.12 -21.50
N LYS D 351 23.37 -15.85 -20.43
CA LYS D 351 22.57 -16.95 -19.84
C LYS D 351 21.22 -16.43 -19.33
N LEU D 352 21.24 -15.26 -18.63
CA LEU D 352 20.04 -14.60 -18.08
C LEU D 352 19.10 -14.15 -19.21
N MET D 353 19.63 -13.64 -20.33
CA MET D 353 18.82 -13.22 -21.50
C MET D 353 18.25 -14.45 -22.23
N GLU D 354 19.03 -15.53 -22.32
CA GLU D 354 18.60 -16.80 -22.94
C GLU D 354 17.39 -17.34 -22.16
N GLN D 355 17.47 -17.29 -20.83
CA GLN D 355 16.42 -17.77 -19.93
C GLN D 355 15.20 -16.86 -19.90
N TYR D 356 15.40 -15.55 -19.71
CA TYR D 356 14.29 -14.64 -19.51
C TYR D 356 13.82 -13.87 -20.73
N GLY D 357 14.68 -13.64 -21.73
CA GLY D 357 14.32 -12.92 -22.94
C GLY D 357 14.54 -11.42 -22.81
N THR D 358 14.24 -10.89 -21.62
CA THR D 358 14.41 -9.48 -21.28
C THR D 358 14.87 -9.34 -19.81
N PRO D 359 15.73 -8.34 -19.47
CA PRO D 359 16.07 -8.14 -18.04
C PRO D 359 14.89 -7.72 -17.17
N ASN D 360 13.76 -7.24 -17.78
CA ASN D 360 12.55 -6.80 -17.07
C ASN D 360 11.93 -7.95 -16.31
N ASN D 361 12.03 -9.18 -16.86
CA ASN D 361 11.45 -10.41 -16.34
C ASN D 361 12.34 -11.22 -15.40
N ILE D 362 13.61 -10.83 -15.21
CA ILE D 362 14.49 -11.58 -14.29
C ILE D 362 13.86 -11.57 -12.88
N ASP D 363 13.67 -12.75 -12.27
CA ASP D 363 13.12 -12.84 -10.90
C ASP D 363 14.05 -12.12 -9.93
N ILE D 364 13.49 -11.35 -8.98
CA ILE D 364 14.24 -10.54 -8.00
C ILE D 364 15.39 -11.32 -7.29
N TRP D 365 15.17 -12.54 -6.82
CA TRP D 365 16.25 -13.30 -6.17
C TRP D 365 17.35 -13.60 -7.18
N MET D 366 16.97 -14.07 -8.38
CA MET D 366 17.93 -14.39 -9.43
C MET D 366 18.77 -13.16 -9.82
N GLY D 367 18.10 -12.06 -10.17
CA GLY D 367 18.81 -10.82 -10.50
C GLY D 367 19.63 -10.30 -9.33
N GLY D 368 19.05 -10.27 -8.14
CA GLY D 368 19.70 -9.81 -6.92
C GLY D 368 20.99 -10.54 -6.57
N VAL D 369 20.97 -11.88 -6.61
CA VAL D 369 22.19 -12.66 -6.26
C VAL D 369 23.22 -12.66 -7.39
N SER D 370 22.81 -12.29 -8.63
CA SER D 370 23.68 -12.26 -9.81
C SER D 370 24.60 -11.06 -9.84
N GLU D 371 24.21 -9.96 -9.21
CA GLU D 371 24.98 -8.72 -9.16
C GLU D 371 26.36 -8.86 -8.47
N PRO D 372 27.42 -8.19 -8.99
CA PRO D 372 28.74 -8.27 -8.30
C PRO D 372 28.66 -7.64 -6.91
N LEU D 373 29.36 -8.25 -5.96
CA LEU D 373 29.27 -7.86 -4.56
C LEU D 373 29.88 -6.51 -4.28
N LYS D 374 29.29 -5.76 -3.36
CA LYS D 374 29.86 -4.46 -3.00
C LYS D 374 31.13 -4.71 -2.19
N ARG D 375 32.08 -3.76 -2.24
CA ARG D 375 33.34 -3.83 -1.51
C ARG D 375 33.02 -3.99 -0.01
N LYS D 376 33.63 -5.02 0.62
CA LYS D 376 33.48 -5.43 2.02
C LYS D 376 32.02 -5.79 2.38
N GLY D 377 31.21 -6.06 1.35
CA GLY D 377 29.81 -6.48 1.48
C GLY D 377 29.57 -7.81 0.82
N ARG D 378 28.39 -8.43 1.07
CA ARG D 378 28.09 -9.74 0.48
C ARG D 378 26.82 -9.72 -0.40
N VAL D 379 26.44 -8.52 -0.85
CA VAL D 379 25.29 -8.25 -1.74
C VAL D 379 25.66 -7.17 -2.75
N GLY D 380 25.02 -7.23 -3.92
CA GLY D 380 25.16 -6.21 -4.95
C GLY D 380 24.33 -4.96 -4.64
N PRO D 381 24.39 -3.90 -5.50
CA PRO D 381 23.62 -2.67 -5.21
C PRO D 381 22.12 -2.80 -4.93
N LEU D 382 21.44 -3.68 -5.68
CA LEU D 382 19.99 -3.89 -5.60
C LEU D 382 19.57 -4.52 -4.29
N LEU D 383 20.23 -5.64 -3.89
CA LEU D 383 19.95 -6.29 -2.62
C LEU D 383 20.33 -5.39 -1.46
N ALA D 384 21.44 -4.64 -1.59
CA ALA D 384 21.85 -3.67 -0.56
C ALA D 384 20.79 -2.60 -0.38
N CYS D 385 20.14 -2.13 -1.49
CA CYS D 385 19.07 -1.16 -1.38
C CYS D 385 17.85 -1.76 -0.69
N ILE D 386 17.43 -2.99 -1.08
CA ILE D 386 16.23 -3.61 -0.48
C ILE D 386 16.46 -3.96 1.02
N ILE D 387 17.61 -4.58 1.34
CA ILE D 387 17.93 -5.00 2.71
C ILE D 387 18.14 -3.78 3.63
N GLY D 388 18.97 -2.83 3.19
CA GLY D 388 19.25 -1.60 3.93
C GLY D 388 17.97 -0.81 4.24
N THR D 389 17.09 -0.62 3.23
CA THR D 389 15.81 0.11 3.41
C THR D 389 14.94 -0.55 4.52
N GLN D 390 14.80 -1.88 4.47
CA GLN D 390 14.03 -2.66 5.43
C GLN D 390 14.55 -2.49 6.85
N PHE D 391 15.86 -2.72 7.04
CA PHE D 391 16.48 -2.61 8.36
C PHE D 391 16.46 -1.18 8.90
N ARG D 392 16.50 -0.16 8.03
CA ARG D 392 16.37 1.24 8.48
C ARG D 392 14.96 1.44 9.06
N LYS D 393 13.93 0.91 8.37
CA LYS D 393 12.53 1.01 8.81
C LYS D 393 12.26 0.27 10.12
N LEU D 394 12.86 -0.92 10.31
CA LEU D 394 12.70 -1.75 11.51
C LEU D 394 13.32 -1.07 12.73
N ARG D 395 14.35 -0.27 12.48
CA ARG D 395 15.06 0.45 13.52
C ARG D 395 14.31 1.75 13.83
N ASP D 396 14.13 2.63 12.82
CA ASP D 396 13.50 3.94 13.01
C ASP D 396 12.01 3.87 13.39
N GLY D 397 11.34 2.76 13.03
CA GLY D 397 9.93 2.55 13.30
C GLY D 397 9.62 1.72 14.54
N ASP D 398 10.65 1.40 15.33
CA ASP D 398 10.48 0.60 16.54
C ASP D 398 10.46 1.49 17.78
N ARG D 399 9.31 1.55 18.48
CA ARG D 399 9.15 2.35 19.71
C ARG D 399 10.00 1.75 20.85
N PHE D 400 10.26 0.45 20.79
CA PHE D 400 11.06 -0.28 21.77
C PHE D 400 12.49 -0.52 21.30
N TRP D 401 13.00 0.28 20.32
CA TRP D 401 14.39 0.18 19.87
C TRP D 401 15.29 0.42 21.12
N TRP D 402 16.37 -0.37 21.27
CA TRP D 402 17.24 -0.31 22.46
C TRP D 402 17.86 1.07 22.76
N GLU D 403 18.04 1.92 21.74
CA GLU D 403 18.60 3.27 21.89
C GLU D 403 17.50 4.34 21.98
N ASN D 404 16.21 3.95 21.83
CA ASN D 404 15.13 4.93 21.94
C ASN D 404 15.04 5.45 23.38
N GLU D 405 14.89 6.78 23.54
CA GLU D 405 14.85 7.38 24.87
C GLU D 405 13.72 6.80 25.72
N GLY D 406 14.06 6.38 26.93
CA GLY D 406 13.13 5.81 27.90
C GLY D 406 13.03 4.30 27.93
N VAL D 407 13.53 3.62 26.88
CA VAL D 407 13.52 2.15 26.76
C VAL D 407 14.47 1.60 27.79
N PHE D 408 15.72 2.02 27.73
CA PHE D 408 16.72 1.69 28.72
C PHE D 408 17.22 3.00 29.35
N SER D 409 17.85 2.94 30.54
CA SER D 409 18.49 4.09 31.20
C SER D 409 19.87 4.25 30.52
N MET D 410 20.54 5.41 30.71
CA MET D 410 21.86 5.65 30.13
C MET D 410 22.90 4.61 30.58
N GLN D 411 22.85 4.25 31.88
CA GLN D 411 23.74 3.23 32.50
C GLN D 411 23.48 1.84 31.91
N GLN D 412 22.21 1.55 31.56
CA GLN D 412 21.84 0.24 30.97
C GLN D 412 22.36 0.17 29.54
N ARG D 413 22.20 1.26 28.76
CA ARG D 413 22.67 1.34 27.37
C ARG D 413 24.18 1.16 27.29
N GLN D 414 24.91 1.80 28.23
CA GLN D 414 26.37 1.70 28.36
C GLN D 414 26.78 0.25 28.64
N ALA D 415 26.01 -0.45 29.48
CA ALA D 415 26.25 -1.86 29.82
C ALA D 415 26.00 -2.75 28.61
N LEU D 416 24.87 -2.51 27.89
CA LEU D 416 24.49 -3.30 26.70
C LEU D 416 25.46 -3.15 25.54
N ALA D 417 26.13 -1.99 25.41
CA ALA D 417 27.12 -1.76 24.35
C ALA D 417 28.36 -2.67 24.48
N GLN D 418 28.49 -3.41 25.61
CA GLN D 418 29.61 -4.33 25.86
C GLN D 418 29.29 -5.77 25.43
N ILE D 419 28.02 -6.08 25.12
CA ILE D 419 27.62 -7.44 24.72
C ILE D 419 28.22 -7.80 23.36
N SER D 420 28.32 -9.11 23.09
CA SER D 420 28.79 -9.71 21.85
C SER D 420 28.32 -11.16 21.82
N LEU D 421 28.15 -11.73 20.61
CA LEU D 421 27.76 -13.14 20.41
C LEU D 421 28.85 -14.10 20.97
N PRO D 422 30.19 -13.87 20.77
CA PRO D 422 31.18 -14.76 21.43
C PRO D 422 30.99 -14.82 22.94
N ARG D 423 30.61 -13.68 23.60
CA ARG D 423 30.36 -13.65 25.05
C ARG D 423 29.12 -14.46 25.46
N ILE D 424 28.04 -14.45 24.63
CA ILE D 424 26.84 -15.25 24.91
C ILE D 424 27.20 -16.75 24.82
N ILE D 425 28.06 -17.11 23.84
CA ILE D 425 28.55 -18.47 23.66
C ILE D 425 29.35 -18.88 24.92
N CYS D 426 30.22 -17.98 25.44
CA CYS D 426 31.03 -18.19 26.64
C CYS D 426 30.18 -18.48 27.88
N ASP D 427 29.05 -17.75 28.02
CA ASP D 427 28.17 -17.83 29.18
C ASP D 427 27.15 -18.96 29.18
N ASN D 428 26.90 -19.61 28.02
CA ASN D 428 25.82 -20.60 27.95
C ASN D 428 26.21 -21.96 27.42
N THR D 429 27.51 -22.18 27.19
CA THR D 429 28.03 -23.44 26.67
C THR D 429 29.30 -23.84 27.44
N GLY D 430 29.84 -25.02 27.13
CA GLY D 430 31.09 -25.53 27.66
C GLY D 430 32.29 -25.09 26.83
N ILE D 431 32.05 -24.18 25.86
CA ILE D 431 33.08 -23.60 24.98
C ILE D 431 33.82 -22.50 25.75
N THR D 432 35.17 -22.61 25.84
CA THR D 432 36.04 -21.68 26.58
C THR D 432 36.95 -20.84 25.70
N THR D 433 37.03 -21.16 24.39
CA THR D 433 37.81 -20.44 23.37
C THR D 433 36.82 -20.04 22.26
N VAL D 434 36.73 -18.74 21.94
CA VAL D 434 35.78 -18.24 20.93
C VAL D 434 36.45 -17.28 19.96
N SER D 435 35.75 -16.96 18.85
CA SER D 435 36.19 -16.02 17.83
C SER D 435 36.39 -14.63 18.39
N LYS D 436 37.38 -13.90 17.86
CA LYS D 436 37.65 -12.50 18.18
C LYS D 436 36.58 -11.72 17.44
N ASN D 437 36.28 -10.51 17.92
CA ASN D 437 35.34 -9.62 17.24
C ASN D 437 36.04 -9.17 15.95
N ASN D 438 35.39 -9.18 14.78
CA ASN D 438 33.98 -9.54 14.55
C ASN D 438 33.84 -11.04 14.32
N ILE D 439 32.93 -11.70 15.07
CA ILE D 439 32.60 -13.14 14.97
C ILE D 439 32.20 -13.53 13.53
N PHE D 440 31.53 -12.60 12.78
CA PHE D 440 31.06 -12.86 11.41
C PHE D 440 32.20 -12.79 10.37
N MET D 441 33.34 -12.23 10.75
CA MET D 441 34.52 -12.15 9.90
C MET D 441 35.50 -13.27 10.27
N SER D 442 35.83 -13.38 11.57
CA SER D 442 36.76 -14.36 12.16
C SER D 442 36.35 -15.77 11.76
N ASN D 443 37.28 -16.60 11.25
CA ASN D 443 36.94 -17.96 10.80
C ASN D 443 38.10 -18.97 10.82
N SER D 444 39.28 -18.55 11.29
CA SER D 444 40.46 -19.41 11.28
C SER D 444 40.99 -19.63 12.68
N TYR D 445 40.95 -20.89 13.13
CA TYR D 445 41.47 -21.29 14.44
C TYR D 445 42.93 -21.74 14.24
N PRO D 446 43.89 -21.30 15.11
CA PRO D 446 43.72 -20.48 16.31
C PRO D 446 43.80 -18.96 16.11
N ARG D 447 44.26 -18.51 14.92
CA ARG D 447 44.52 -17.12 14.53
C ARG D 447 43.47 -16.09 14.97
N ASP D 448 42.18 -16.35 14.69
CA ASP D 448 41.09 -15.40 15.00
C ASP D 448 40.37 -15.79 16.29
N PHE D 449 41.06 -16.52 17.18
CA PHE D 449 40.45 -17.03 18.40
C PHE D 449 41.12 -16.55 19.68
N VAL D 450 40.32 -16.44 20.75
CA VAL D 450 40.72 -15.95 22.08
C VAL D 450 39.99 -16.76 23.14
N ASN D 451 40.56 -16.86 24.35
CA ASN D 451 39.85 -17.55 25.42
C ASN D 451 38.81 -16.62 26.03
N CYS D 452 37.69 -17.20 26.47
CA CYS D 452 36.53 -16.53 27.08
C CYS D 452 36.90 -15.59 28.24
N SER D 453 37.97 -15.92 28.98
CA SER D 453 38.46 -15.14 30.12
C SER D 453 38.86 -13.67 29.76
N THR D 454 39.17 -13.40 28.48
CA THR D 454 39.55 -12.05 28.01
C THR D 454 38.33 -11.16 27.71
N LEU D 455 37.12 -11.73 27.71
CA LEU D 455 35.90 -10.98 27.38
C LEU D 455 35.07 -10.61 28.61
N PRO D 456 34.72 -9.31 28.78
CA PRO D 456 33.92 -8.93 29.97
C PRO D 456 32.46 -9.38 29.85
N ALA D 457 31.87 -9.83 30.97
CA ALA D 457 30.47 -10.26 31.01
C ALA D 457 29.56 -9.03 31.04
N LEU D 458 28.24 -9.22 30.75
CA LEU D 458 27.29 -8.11 30.83
C LEU D 458 27.13 -7.72 32.32
N ASN D 459 27.34 -6.46 32.64
CA ASN D 459 27.18 -5.95 33.99
C ASN D 459 25.70 -5.60 34.21
N LEU D 460 25.00 -6.36 35.06
CA LEU D 460 23.59 -6.12 35.34
C LEU D 460 23.34 -5.11 36.47
N ALA D 461 24.42 -4.49 37.05
CA ALA D 461 24.34 -3.51 38.15
C ALA D 461 23.24 -2.44 37.99
N SER D 462 23.03 -1.91 36.76
CA SER D 462 22.03 -0.87 36.48
C SER D 462 20.56 -1.37 36.46
N TRP D 463 20.35 -2.70 36.59
CA TRP D 463 19.02 -3.30 36.66
C TRP D 463 18.57 -3.49 38.13
N ARG D 464 19.42 -3.06 39.08
CA ARG D 464 19.08 -3.15 40.50
C ARG D 464 18.10 -2.02 40.86
N GLU D 465 16.94 -2.43 41.40
CA GLU D 465 15.83 -1.57 41.77
C GLU D 465 16.00 -1.10 43.21
C1 NAG E . 8.94 6.86 -13.63
C2 NAG E . 10.28 7.56 -13.47
C3 NAG E . 10.96 6.73 -12.39
C4 NAG E . 10.17 6.76 -11.08
C5 NAG E . 8.71 6.35 -11.27
C6 NAG E . 7.82 6.76 -10.10
C7 NAG E . 11.20 8.50 -15.57
C8 NAG E . 12.11 8.23 -16.74
N2 NAG E . 11.05 7.49 -14.71
O3 NAG E . 12.28 7.21 -12.16
O4 NAG E . 10.76 5.87 -10.15
O5 NAG E . 8.17 7.00 -12.43
O6 NAG E . 7.79 8.17 -9.98
O7 NAG E . 10.62 9.57 -15.44
C1 NAG E . 11.09 6.39 -8.89
C2 NAG E . 10.97 5.26 -7.86
C3 NAG E . 11.41 5.84 -6.52
C4 NAG E . 12.82 6.41 -6.63
C5 NAG E . 12.86 7.52 -7.67
C6 NAG E . 14.25 8.03 -7.96
C7 NAG E . 9.13 3.67 -8.33
C8 NAG E . 7.65 3.43 -8.18
N2 NAG E . 9.59 4.81 -7.78
O3 NAG E . 11.34 4.82 -5.54
O4 NAG E . 13.28 6.91 -5.38
O5 NAG E . 12.37 7.01 -8.92
O6 NAG E . 15.06 7.03 -8.55
O7 NAG E . 9.86 2.87 -8.92
C1 BMA E . 14.35 6.20 -4.76
C2 BMA E . 15.34 7.22 -4.17
C3 BMA E . 16.48 6.52 -3.41
C4 BMA E . 15.99 5.38 -2.51
C5 BMA E . 14.92 4.52 -3.18
C6 BMA E . 14.26 3.55 -2.24
O2 BMA E . 14.66 8.16 -3.36
O3 BMA E . 17.13 7.51 -2.62
O4 BMA E . 17.09 4.52 -2.22
O5 BMA E . 13.88 5.36 -3.72
O6 BMA E . 14.82 2.25 -2.36
C1 MAN E . 18.54 7.48 -2.40
C2 MAN E . 18.89 8.61 -1.42
C3 MAN E . 18.76 9.97 -2.10
C4 MAN E . 19.61 10.05 -3.37
C5 MAN E . 19.26 8.88 -4.31
C6 MAN E . 20.21 8.76 -5.48
O2 MAN E . 20.20 8.43 -0.88
O3 MAN E . 19.09 11.02 -1.20
O4 MAN E . 19.37 11.28 -4.04
O5 MAN E . 19.31 7.61 -3.61
O6 MAN E . 21.48 8.23 -5.10
C1 FUC E . 7.46 8.68 -8.73
C2 FUC E . 8.40 9.86 -8.43
C3 FUC E . 8.08 11.04 -9.34
C4 FUC E . 6.60 11.42 -9.22
C5 FUC E . 5.76 10.20 -9.57
C6 FUC E . 4.27 10.43 -9.50
O2 FUC E . 9.76 9.46 -8.59
O3 FUC E . 8.91 12.16 -9.10
O4 FUC E . 6.32 11.87 -7.90
O5 FUC E . 6.09 9.11 -8.69
C1 NAG F . 9.83 10.72 10.06
C2 NAG F . 10.59 11.93 9.51
C3 NAG F . 9.63 12.49 8.47
C4 NAG F . 9.35 11.47 7.37
C5 NAG F . 8.87 10.12 7.92
C6 NAG F . 8.97 9.00 6.91
C7 NAG F . 12.02 13.10 11.16
C8 NAG F . 12.12 14.28 12.09
N2 NAG F . 10.83 12.92 10.56
O3 NAG F . 10.13 13.70 7.91
O4 NAG F . 8.32 11.98 6.53
O5 NAG F . 9.69 9.73 9.03
O6 NAG F . 10.33 8.79 6.55
O7 NAG F . 12.97 12.35 10.97
C1 NAG F . 8.59 12.02 5.15
C2 NAG F . 7.27 11.80 4.41
C3 NAG F . 7.58 11.87 2.92
C4 NAG F . 8.25 13.21 2.59
C5 NAG F . 9.53 13.39 3.41
C6 NAG F . 10.15 14.76 3.28
C7 NAG F . 5.67 10.32 5.56
C8 NAG F . 5.29 8.89 5.84
N2 NAG F . 6.71 10.50 4.74
O3 NAG F . 6.36 11.71 2.20
O4 NAG F . 8.52 13.35 1.20
O5 NAG F . 9.24 13.23 4.80
O6 NAG F . 9.32 15.75 3.85
O7 NAG F . 5.06 11.26 6.08
C1 BMA F . 7.78 14.32 0.49
C2 BMA F . 8.70 15.07 -0.45
C3 BMA F . 7.95 16.07 -1.34
C4 BMA F . 6.66 15.48 -1.92
C5 BMA F . 5.87 14.70 -0.87
C6 BMA F . 4.68 13.96 -1.43
O2 BMA F . 9.45 14.14 -1.23
O3 BMA F . 8.84 16.44 -2.40
O4 BMA F . 5.83 16.53 -2.41
O5 BMA F . 6.71 13.72 -0.26
O6 BMA F . 3.48 14.69 -1.22
C1 MAN F . 8.85 17.76 -2.93
C2 MAN F . 9.88 17.80 -4.08
C3 MAN F . 11.29 17.74 -3.51
C4 MAN F . 11.54 18.85 -2.48
C5 MAN F . 10.47 18.83 -1.39
C6 MAN F . 10.50 20.03 -0.49
O2 MAN F . 9.69 18.94 -4.89
O3 MAN F . 12.27 17.78 -4.55
O4 MAN F . 12.82 18.65 -1.88
O5 MAN F . 9.14 18.79 -1.96
O6 MAN F . 9.99 21.20 -1.13
C1 FUC F . 10.54 8.18 5.30
C2 FUC F . 11.67 8.94 4.59
C3 FUC F . 13.01 8.68 5.27
C4 FUC F . 13.28 7.19 5.38
C5 FUC F . 12.13 6.54 6.15
C6 FUC F . 12.26 5.05 6.32
O2 FUC F . 11.41 10.34 4.54
O3 FUC F . 14.06 9.34 4.59
O4 FUC F . 13.39 6.61 4.07
O5 FUC F . 10.88 6.80 5.46
CL CL G . -4.35 7.60 1.56
CL CL H . -22.86 14.18 -5.71
CHA HEM I . -18.68 13.56 -1.89
CHB HEM I . -22.57 16.32 -2.25
CHC HEM I . -20.03 19.29 -4.99
CHD HEM I . -16.11 16.63 -4.44
C1A HEM I . -19.94 14.09 -1.68
C2A HEM I . -20.92 13.54 -0.84
C3A HEM I . -22.04 14.31 -0.93
C4A HEM I . -21.67 15.36 -1.79
CMA HEM I . -23.37 14.12 -0.21
CAA HEM I . -20.80 12.23 -0.06
CBA HEM I . -20.94 12.60 1.45
CGA HEM I . -20.47 11.50 2.42
O1A HEM I . -21.20 10.81 3.04
O2A HEM I . -19.21 11.26 2.60
C1B HEM I . -22.19 17.32 -3.13
C2B HEM I . -23.16 18.23 -3.68
C3B HEM I . -22.45 19.12 -4.43
C4B HEM I . -21.05 18.65 -4.31
CMB HEM I . -24.67 18.17 -3.40
CAB HEM I . -22.83 20.28 -5.27
CBB HEM I . -24.05 20.65 -5.63
C1C HEM I . -18.71 18.90 -4.99
C2C HEM I . -17.63 19.69 -5.54
C3C HEM I . -16.46 18.94 -5.33
C4C HEM I . -16.91 17.72 -4.69
CMC HEM I . -17.80 21.04 -6.22
CAC HEM I . -15.01 19.19 -5.71
CBC HEM I . -14.53 20.21 -6.35
C1D HEM I . -16.57 15.46 -3.81
C2D HEM I . -15.74 14.21 -3.72
C3D HEM I . -16.44 13.40 -2.97
C4D HEM I . -17.70 14.10 -2.68
CMD HEM I . -14.38 13.95 -4.31
CAD HEM I . -16.13 11.97 -2.58
CBD HEM I . -16.75 11.13 -3.70
CGD HEM I . -16.63 9.60 -3.51
O1D HEM I . -17.55 8.95 -3.19
O2D HEM I . -15.53 8.93 -3.70
NA HEM I . -20.36 15.29 -2.18
NB HEM I . -20.94 17.56 -3.54
NC HEM I . -18.27 17.77 -4.37
ND HEM I . -17.75 15.31 -3.23
FE HEM I . -19.26 16.59 -3.09
CL CL J . 6.88 -5.37 -2.13
CL CL K . 14.24 -22.48 7.41
CHA HEM L . 12.82 -19.19 2.99
CHB HEM L . 15.40 -23.14 3.74
CHC HEM L . 18.94 -20.38 5.30
CHD HEM L . 16.41 -16.43 4.42
C1A HEM L . 13.23 -20.51 2.99
C2A HEM L . 12.44 -21.62 2.57
C3A HEM L . 13.19 -22.72 2.75
C4A HEM L . 14.40 -22.29 3.28
CMA HEM L . 12.79 -24.13 2.44
CAA HEM L . 11.05 -21.54 1.99
CBA HEM L . 11.10 -22.03 0.50
CGA HEM L . 9.83 -21.73 -0.31
O1A HEM L . 8.99 -22.60 -0.56
O2A HEM L . 9.61 -20.51 -0.79
C1B HEM L . 16.58 -22.68 4.29
C2B HEM L . 17.55 -23.61 4.84
C3B HEM L . 18.59 -22.84 5.26
C4B HEM L . 18.16 -21.44 4.97
CMB HEM L . 17.39 -25.13 4.88
CAB HEM L . 19.86 -23.16 5.93
CBB HEM L . 20.24 -24.33 6.47
C1C HEM L . 18.63 -19.07 5.12
C2C HEM L . 19.56 -17.96 5.25
C3C HEM L . 18.83 -16.80 4.96
C4C HEM L . 17.49 -17.24 4.65
CMC HEM L . 21.01 -18.10 5.67
CAC HEM L . 19.22 -15.35 4.96
CBC HEM L . 20.40 -14.82 5.28
C1D HEM L . 15.13 -16.91 4.12
C2D HEM L . 13.92 -16.03 4.06
C3D HEM L . 12.95 -16.78 3.55
C4D HEM L . 13.54 -18.12 3.42
CMD HEM L . 13.85 -14.55 4.46
CAD HEM L . 11.48 -16.45 3.42
CBD HEM L . 10.83 -16.80 4.81
CGD HEM L . 9.32 -16.62 4.90
O1D HEM L . 8.58 -17.52 4.93
O2D HEM L . 8.76 -15.44 4.96
NA HEM L . 14.48 -20.91 3.36
NB HEM L . 16.96 -21.37 4.38
NC HEM L . 17.41 -18.65 4.63
ND HEM L . 14.82 -18.17 3.82
FE HEM L . 16.00 -19.74 3.78
CA CA M . -12.47 7.85 -14.88
CL CL N . -27.81 32.93 -25.10
CL CL O . -35.78 7.51 -21.43
C1 NAG P . -31.13 6.05 -31.56
C2 NAG P . -32.25 6.57 -30.65
C3 NAG P . -33.49 6.95 -31.46
C4 NAG P . -33.11 7.89 -32.60
C5 NAG P . -32.05 7.24 -33.48
C6 NAG P . -31.58 8.11 -34.62
C7 NAG P . -32.32 5.68 -28.35
C8 NAG P . -32.76 4.55 -27.48
N2 NAG P . -32.58 5.55 -29.65
O3 NAG P . -34.44 7.56 -30.60
O4 NAG P . -34.28 8.22 -33.36
O5 NAG P . -30.89 6.91 -32.69
O6 NAG P . -30.97 9.31 -34.14
O7 NAG P . -31.73 6.67 -27.91
C1 NAG Q . -44.18 20.26 -9.24
C2 NAG Q . -44.13 21.76 -8.91
C3 NAG Q . -45.28 22.47 -9.62
C4 NAG Q . -45.20 22.23 -11.13
C5 NAG Q . -45.23 20.73 -11.38
C6 NAG Q . -45.06 20.36 -12.84
C7 NAG Q . -43.51 22.91 -6.81
C8 NAG Q . -43.77 23.00 -5.33
N2 NAG Q . -44.20 21.96 -7.47
O3 NAG Q . -45.22 23.87 -9.37
O4 NAG Q . -46.28 22.88 -11.79
O5 NAG Q . -44.16 20.08 -10.67
O6 NAG Q . -45.38 19.00 -13.05
O7 NAG Q . -42.73 23.68 -7.38
C2 UEB R . -27.69 8.63 -1.55
C7 UEB R . -31.74 10.00 -1.16
C8 UEB R . -31.45 8.64 -0.96
C9 UEB R . -30.13 8.20 -1.09
C10 UEB R . -27.16 8.57 -2.96
C11 UEB R . -28.02 8.18 -4.00
C12 UEB R . -27.59 8.10 -5.32
C13 UEB R . -26.26 8.42 -5.63
C14 UEB R . -25.39 8.79 -4.60
C15 UEB R . -25.83 8.88 -3.27
C16 UEB R . -24.87 9.32 -2.19
C21 UEB R . -21.30 11.46 -3.59
C27 UEB R . -21.99 8.27 -1.97
N1 UEB R . -27.47 7.37 -0.87
C4 UEB R . -29.10 9.10 -1.41
C5 UEB R . -29.40 10.45 -1.61
C6 UEB R . -30.73 10.90 -1.50
N17 UEB R . -23.71 10.05 -2.67
C18 UEB R . -23.82 11.37 -3.26
S19 UEB R . -25.25 12.19 -3.50
N20 UEB R . -22.61 11.95 -3.68
O22 UEB R . -20.33 12.05 -4.02
C23 UEB R . -21.28 10.17 -2.96
N24 UEB R . -20.20 9.37 -2.71
C26 UEB R . -20.61 8.21 -2.11
C28 UEB R . -22.42 9.50 -2.52
C1 BMA S . 6.28 10.58 -1.48
C2 BMA S . 7.30 10.89 -2.59
C3 BMA S . 6.64 11.65 -3.75
C4 BMA S . 5.36 10.96 -4.22
C5 BMA S . 4.43 10.71 -3.04
C6 BMA S . 3.16 9.96 -3.38
O2 BMA S . 7.92 9.69 -3.05
O3 BMA S . 7.55 11.80 -4.83
O4 BMA S . 4.70 11.79 -5.19
O5 BMA S . 5.11 9.94 -2.03
O6 BMA S . 3.41 8.61 -3.74
C1 BMA T . 11.05 5.45 -2.03
C2 BMA T . 11.41 6.71 -1.22
C3 BMA T . 12.14 6.35 0.07
C4 BMA T . 11.40 5.27 0.86
C5 BMA T . 11.12 4.07 -0.04
C6 BMA T . 10.32 2.97 0.63
O2 BMA T . 10.24 7.47 -0.96
O3 BMA T . 12.31 7.51 0.87
O4 BMA T . 12.18 4.87 1.98
O5 BMA T . 10.37 4.50 -1.20
O6 BMA T . 8.97 3.35 0.88
CL CL U . 7.76 -31.11 27.88
C1 NAG V . 10.94 -25.10 35.44
C2 NAG V . 11.21 -26.41 34.70
C3 NAG V . 11.71 -27.49 35.67
C4 NAG V . 12.89 -26.97 36.47
C5 NAG V . 12.50 -25.69 37.21
C6 NAG V . 13.64 -25.06 37.98
C7 NAG V . 9.88 -26.85 32.68
C8 NAG V . 8.59 -27.37 32.14
N2 NAG V . 10.01 -26.86 34.01
O3 NAG V . 12.08 -28.63 34.91
O4 NAG V . 13.35 -27.98 37.38
O5 NAG V . 12.04 -24.70 36.28
O6 NAG V . 14.72 -24.68 37.12
O7 NAG V . 10.77 -26.43 31.94
C1 NAG W . 20.14 -43.13 13.91
C2 NAG W . 21.55 -43.16 13.33
C3 NAG W . 22.36 -44.21 14.08
C4 NAG W . 22.36 -43.93 15.58
C5 NAG W . 20.91 -43.92 16.07
C6 NAG W . 20.75 -43.58 17.54
C7 NAG W . 22.34 -42.97 10.98
C8 NAG W . 22.21 -43.54 9.60
N2 NAG W . 21.50 -43.48 11.90
O3 NAG W . 23.69 -44.28 13.57
O4 NAG W . 23.14 -44.89 16.29
O5 NAG W . 20.15 -42.94 15.33
O6 NAG W . 19.42 -43.82 17.97
O7 NAG W . 23.16 -42.09 11.25
CA CA X . 10.22 -10.25 15.27
C2 UEB Y . 7.52 -27.72 5.71
C7 UEB Y . 8.76 -31.83 5.78
C8 UEB Y . 7.41 -31.53 5.66
C9 UEB Y . 7.00 -30.18 5.63
C10 UEB Y . 7.80 -26.89 6.93
C11 UEB Y . 7.54 -27.43 8.20
C12 UEB Y . 7.77 -26.69 9.36
C13 UEB Y . 8.25 -25.38 9.26
C14 UEB Y . 8.51 -24.82 8.01
C15 UEB Y . 8.29 -25.56 6.83
C16 UEB Y . 8.60 -24.94 5.49
C21 UEB Y . 10.85 -21.19 5.54
C27 UEB Y . 7.37 -22.14 5.06
N1 UEB Y . 6.11 -27.59 5.36
C4 UEB Y . 7.95 -29.15 5.75
C5 UEB Y . 9.31 -29.46 5.87
C6 UEB Y . 9.71 -30.81 5.89
N17 UEB Y . 9.35 -23.72 5.54
C18 UEB Y . 10.74 -23.70 5.77
S19 UEB Y . 11.66 -25.05 6.10
N20 UEB Y . 11.37 -22.45 5.76
O22 UEB Y . 11.51 -20.15 5.59
C23 UEB Y . 9.43 -21.28 5.31
N24 UEB Y . 8.56 -20.26 5.07
C26 UEB Y . 7.30 -20.77 4.92
C28 UEB Y . 8.72 -22.46 5.32
#